data_9MDY
# 
_entry.id   9MDY 
# 
_audit_conform.dict_name       mmcif_pdbx.dic 
_audit_conform.dict_version    5.403 
_audit_conform.dict_location   http://mmcif.pdb.org/dictionaries/ascii/mmcif_pdbx.dic 
# 
loop_
_database_2.database_id 
_database_2.database_code 
_database_2.pdbx_database_accession 
_database_2.pdbx_DOI 
PDB   9MDY         pdb_00009mdy 10.2210/pdb9mdy/pdb 
WWPDB D_1000290714 ?            ?                   
# 
loop_
_pdbx_audit_revision_history.ordinal 
_pdbx_audit_revision_history.data_content_type 
_pdbx_audit_revision_history.major_revision 
_pdbx_audit_revision_history.minor_revision 
_pdbx_audit_revision_history.revision_date 
_pdbx_audit_revision_history.part_number 
1 'Structure model' 1 0 2025-05-14 ? 
2 'Structure model' 1 1 2025-05-28 ? 
# 
_pdbx_audit_revision_details.ordinal             1 
_pdbx_audit_revision_details.revision_ordinal    1 
_pdbx_audit_revision_details.data_content_type   'Structure model' 
_pdbx_audit_revision_details.provider            repository 
_pdbx_audit_revision_details.type                'Initial release' 
_pdbx_audit_revision_details.description         ? 
_pdbx_audit_revision_details.details             ? 
# 
_pdbx_audit_revision_group.ordinal             1 
_pdbx_audit_revision_group.revision_ordinal    2 
_pdbx_audit_revision_group.data_content_type   'Structure model' 
_pdbx_audit_revision_group.group               'Database references' 
# 
loop_
_pdbx_audit_revision_category.ordinal 
_pdbx_audit_revision_category.revision_ordinal 
_pdbx_audit_revision_category.data_content_type 
_pdbx_audit_revision_category.category 
1 2 'Structure model' citation        
2 2 'Structure model' citation_author 
# 
loop_
_pdbx_audit_revision_item.ordinal 
_pdbx_audit_revision_item.revision_ordinal 
_pdbx_audit_revision_item.data_content_type 
_pdbx_audit_revision_item.item 
1  2 'Structure model' '_citation.country'                 
2  2 'Structure model' '_citation.journal_abbrev'          
3  2 'Structure model' '_citation.journal_id_ASTM'         
4  2 'Structure model' '_citation.journal_id_CSD'          
5  2 'Structure model' '_citation.journal_id_ISSN'         
6  2 'Structure model' '_citation.journal_volume'          
7  2 'Structure model' '_citation.page_first'              
8  2 'Structure model' '_citation.page_last'               
9  2 'Structure model' '_citation.pdbx_database_id_DOI'    
10 2 'Structure model' '_citation.pdbx_database_id_PubMed' 
11 2 'Structure model' '_citation.title'                   
12 2 'Structure model' '_citation.year'                    
# 
_pdbx_database_status.status_code                     REL 
_pdbx_database_status.status_code_sf                  REL 
_pdbx_database_status.status_code_mr                  ? 
_pdbx_database_status.entry_id                        9MDY 
_pdbx_database_status.recvd_initial_deposition_date   2024-12-05 
_pdbx_database_status.SG_entry                        N 
_pdbx_database_status.deposit_site                    RCSB 
_pdbx_database_status.process_site                    RCSB 
_pdbx_database_status.status_code_cs                  ? 
_pdbx_database_status.status_code_nmr_data            ? 
_pdbx_database_status.methods_development_category    ? 
_pdbx_database_status.pdb_format_compatible           Y 
# 
_pdbx_contact_author.id                 2 
_pdbx_contact_author.email              jwszostak@uchicago.edu 
_pdbx_contact_author.name_first         Jack 
_pdbx_contact_author.name_last          Szostak 
_pdbx_contact_author.name_mi            W. 
_pdbx_contact_author.role               'principal investigator/group leader' 
_pdbx_contact_author.identifier_ORCID   0000-0003-4131-1203 
# 
loop_
_audit_author.name 
_audit_author.pdbx_ordinal 
_audit_author.identifier_ORCID 
'Fang, Z.'      1 0000-0001-8679-6633 
'Jia, X.'       2 0000-0001-9094-9882 
'Szostak, J.W.' 3 0000-0003-4131-1203 
# 
_citation.abstract                  ? 
_citation.abstract_id_CAS           ? 
_citation.book_id_ISBN              ? 
_citation.book_publisher            ? 
_citation.book_publisher_city       ? 
_citation.book_title                ? 
_citation.coordinate_linkage        ? 
_citation.country                   US 
_citation.database_id_Medline       ? 
_citation.details                   ? 
_citation.id                        primary 
_citation.journal_abbrev            Proc.Natl.Acad.Sci.USA 
_citation.journal_id_ASTM           PNASA6 
_citation.journal_id_CSD            0040 
_citation.journal_id_ISSN           1091-6490 
_citation.journal_full              ? 
_citation.journal_issue             ? 
_citation.journal_volume            122 
_citation.language                  ? 
_citation.page_first                e2505720122 
_citation.page_last                 e2505720122 
_citation.title                     'Nonenzymatic RNA copying with a potentially primordial genetic alphabet.' 
_citation.year                      2025 
_citation.database_id_CSD           ? 
_citation.pdbx_database_id_DOI      10.1073/pnas.2505720122 
_citation.pdbx_database_id_PubMed   40397670 
_citation.pdbx_database_id_patent   ? 
_citation.unpublished_flag          ? 
# 
loop_
_citation_author.citation_id 
_citation_author.name 
_citation_author.ordinal 
_citation_author.identifier_ORCID 
primary 'Fang, Z.'      1 0000-0001-8679-6633 
primary 'Jia, X.'       2 0000-0001-9094-9882 
primary 'Xing, Y.'      3 0000-0002-4549-8370 
primary 'Szostak, J.W.' 4 0000-0003-4131-1203 
# 
loop_
_entity.id 
_entity.type 
_entity.src_method 
_entity.pdbx_description 
_entity.formula_weight 
_entity.pdbx_number_of_molecules 
_entity.pdbx_ec 
_entity.pdbx_mutation 
_entity.pdbx_fragment 
_entity.details 
1 polymer     syn 'RNA strand with s(2)U:A pair sequence 2' 5099.129 1   ? ? ? ? 
2 non-polymer syn 'MAGNESIUM ION'                           24.305   3   ? ? ? ? 
3 water       nat water                                     18.015   100 ? ? ? ? 
# 
_entity_poly.entity_id                      1 
_entity_poly.type                           polyribonucleotide 
_entity_poly.nstd_linkage                   no 
_entity_poly.nstd_monomer                   yes 
_entity_poly.pdbx_seq_one_letter_code       'AGAGAAGA(SUR)CUUCUCU' 
_entity_poly.pdbx_seq_one_letter_code_can   AGAGAAGAUCUUCUCU 
_entity_poly.pdbx_strand_id                 A 
_entity_poly.pdbx_target_identifier         ? 
# 
loop_
_pdbx_entity_nonpoly.entity_id 
_pdbx_entity_nonpoly.name 
_pdbx_entity_nonpoly.comp_id 
2 'MAGNESIUM ION' MG  
3 water           HOH 
# 
loop_
_entity_poly_seq.entity_id 
_entity_poly_seq.num 
_entity_poly_seq.mon_id 
_entity_poly_seq.hetero 
1 1  A   n 
1 2  G   n 
1 3  A   n 
1 4  G   n 
1 5  A   n 
1 6  A   n 
1 7  G   n 
1 8  A   n 
1 9  SUR n 
1 10 C   n 
1 11 U   n 
1 12 U   n 
1 13 C   n 
1 14 U   n 
1 15 C   n 
1 16 U   n 
# 
_pdbx_entity_src_syn.entity_id              1 
_pdbx_entity_src_syn.pdbx_src_id            1 
_pdbx_entity_src_syn.pdbx_alt_source_flag   sample 
_pdbx_entity_src_syn.pdbx_beg_seq_num       1 
_pdbx_entity_src_syn.pdbx_end_seq_num       16 
_pdbx_entity_src_syn.organism_scientific    'synthetic construct' 
_pdbx_entity_src_syn.organism_common_name   ? 
_pdbx_entity_src_syn.ncbi_taxonomy_id       32630 
_pdbx_entity_src_syn.details                ? 
# 
loop_
_chem_comp.id 
_chem_comp.type 
_chem_comp.mon_nstd_flag 
_chem_comp.name 
_chem_comp.pdbx_synonyms 
_chem_comp.formula 
_chem_comp.formula_weight 
A   'RNA linking' y "ADENOSINE-5'-MONOPHOSPHATE"                          ? 'C10 H14 N5 O7 P'  347.221 
C   'RNA linking' y "CYTIDINE-5'-MONOPHOSPHATE"                           ? 'C9 H14 N3 O8 P'   323.197 
G   'RNA linking' y "GUANOSINE-5'-MONOPHOSPHATE"                          ? 'C10 H14 N5 O8 P'  363.221 
HOH non-polymer   . WATER                                                 ? 'H2 O'             18.015  
MG  non-polymer   . 'MAGNESIUM ION'                                       ? 'Mg 2'             24.305  
SUR 'RNA linking' n "1-(BETA-D-RIBOFURANOSYL)-2-THIO-URACIL-5'-PHOSPHATE" ? 'C9 H13 N2 O8 P S' 340.247 
U   'RNA linking' y "URIDINE-5'-MONOPHOSPHATE"                            ? 'C9 H13 N2 O9 P'   324.181 
# 
loop_
_pdbx_poly_seq_scheme.asym_id 
_pdbx_poly_seq_scheme.entity_id 
_pdbx_poly_seq_scheme.seq_id 
_pdbx_poly_seq_scheme.mon_id 
_pdbx_poly_seq_scheme.ndb_seq_num 
_pdbx_poly_seq_scheme.pdb_seq_num 
_pdbx_poly_seq_scheme.auth_seq_num 
_pdbx_poly_seq_scheme.pdb_mon_id 
_pdbx_poly_seq_scheme.auth_mon_id 
_pdbx_poly_seq_scheme.pdb_strand_id 
_pdbx_poly_seq_scheme.pdb_ins_code 
_pdbx_poly_seq_scheme.hetero 
A 1 1  A   1  1  1  A   A   A . n 
A 1 2  G   2  2  2  G   G   A . n 
A 1 3  A   3  3  3  A   A   A . n 
A 1 4  G   4  4  4  G   G   A . n 
A 1 5  A   5  5  5  A   A   A . n 
A 1 6  A   6  6  6  A   A   A . n 
A 1 7  G   7  7  7  G   G   A . n 
A 1 8  A   8  8  8  A   A   A . n 
A 1 9  SUR 9  9  9  SUR SUR A . n 
A 1 10 C   10 10 10 C   C   A . n 
A 1 11 U   11 11 11 U   U   A . n 
A 1 12 U   12 12 12 U   U   A . n 
A 1 13 C   13 13 13 C   C   A . n 
A 1 14 U   14 14 14 U   U   A . n 
A 1 15 C   15 15 15 C   C   A . n 
A 1 16 U   16 16 16 U   U   A . n 
# 
_pdbx_entity_instance_feature.ordinal        1 
_pdbx_entity_instance_feature.comp_id        SUR 
_pdbx_entity_instance_feature.asym_id        ? 
_pdbx_entity_instance_feature.seq_num        ? 
_pdbx_entity_instance_feature.auth_comp_id   SUR 
_pdbx_entity_instance_feature.auth_asym_id   ? 
_pdbx_entity_instance_feature.auth_seq_num   ? 
_pdbx_entity_instance_feature.feature_type   'SUBJECT OF INVESTIGATION' 
_pdbx_entity_instance_feature.details        ? 
# 
loop_
_pdbx_nonpoly_scheme.asym_id 
_pdbx_nonpoly_scheme.entity_id 
_pdbx_nonpoly_scheme.mon_id 
_pdbx_nonpoly_scheme.ndb_seq_num 
_pdbx_nonpoly_scheme.pdb_seq_num 
_pdbx_nonpoly_scheme.auth_seq_num 
_pdbx_nonpoly_scheme.pdb_mon_id 
_pdbx_nonpoly_scheme.auth_mon_id 
_pdbx_nonpoly_scheme.pdb_strand_id 
_pdbx_nonpoly_scheme.pdb_ins_code 
B 2 MG  1   101 1   MG  MG  A . 
C 2 MG  1   102 2   MG  MG  A . 
D 2 MG  1   103 3   MG  MG  A . 
E 3 HOH 1   201 56  HOH HOH A . 
E 3 HOH 2   202 104 HOH HOH A . 
E 3 HOH 3   203 33  HOH HOH A . 
E 3 HOH 4   204 95  HOH HOH A . 
E 3 HOH 5   205 100 HOH HOH A . 
E 3 HOH 6   206 34  HOH HOH A . 
E 3 HOH 7   207 69  HOH HOH A . 
E 3 HOH 8   208 67  HOH HOH A . 
E 3 HOH 9   209 64  HOH HOH A . 
E 3 HOH 10  210 75  HOH HOH A . 
E 3 HOH 11  211 23  HOH HOH A . 
E 3 HOH 12  212 10  HOH HOH A . 
E 3 HOH 13  213 72  HOH HOH A . 
E 3 HOH 14  214 68  HOH HOH A . 
E 3 HOH 15  215 5   HOH HOH A . 
E 3 HOH 16  216 73  HOH HOH A . 
E 3 HOH 17  217 18  HOH HOH A . 
E 3 HOH 18  218 77  HOH HOH A . 
E 3 HOH 19  219 19  HOH HOH A . 
E 3 HOH 20  220 62  HOH HOH A . 
E 3 HOH 21  221 84  HOH HOH A . 
E 3 HOH 22  222 26  HOH HOH A . 
E 3 HOH 23  223 50  HOH HOH A . 
E 3 HOH 24  224 4   HOH HOH A . 
E 3 HOH 25  225 83  HOH HOH A . 
E 3 HOH 26  226 79  HOH HOH A . 
E 3 HOH 27  227 41  HOH HOH A . 
E 3 HOH 28  228 89  HOH HOH A . 
E 3 HOH 29  229 37  HOH HOH A . 
E 3 HOH 30  230 98  HOH HOH A . 
E 3 HOH 31  231 99  HOH HOH A . 
E 3 HOH 32  232 3   HOH HOH A . 
E 3 HOH 33  233 70  HOH HOH A . 
E 3 HOH 34  234 39  HOH HOH A . 
E 3 HOH 35  235 46  HOH HOH A . 
E 3 HOH 36  236 24  HOH HOH A . 
E 3 HOH 37  237 85  HOH HOH A . 
E 3 HOH 38  238 36  HOH HOH A . 
E 3 HOH 39  239 94  HOH HOH A . 
E 3 HOH 40  240 74  HOH HOH A . 
E 3 HOH 41  241 106 HOH HOH A . 
E 3 HOH 42  242 45  HOH HOH A . 
E 3 HOH 43  243 96  HOH HOH A . 
E 3 HOH 44  244 21  HOH HOH A . 
E 3 HOH 45  245 58  HOH HOH A . 
E 3 HOH 46  246 7   HOH HOH A . 
E 3 HOH 47  247 1   HOH HOH A . 
E 3 HOH 48  248 16  HOH HOH A . 
E 3 HOH 49  249 35  HOH HOH A . 
E 3 HOH 50  250 27  HOH HOH A . 
E 3 HOH 51  251 12  HOH HOH A . 
E 3 HOH 52  252 31  HOH HOH A . 
E 3 HOH 53  253 14  HOH HOH A . 
E 3 HOH 54  254 55  HOH HOH A . 
E 3 HOH 55  255 8   HOH HOH A . 
E 3 HOH 56  256 29  HOH HOH A . 
E 3 HOH 57  257 42  HOH HOH A . 
E 3 HOH 58  258 32  HOH HOH A . 
E 3 HOH 59  259 38  HOH HOH A . 
E 3 HOH 60  260 20  HOH HOH A . 
E 3 HOH 61  261 102 HOH HOH A . 
E 3 HOH 62  262 61  HOH HOH A . 
E 3 HOH 63  263 48  HOH HOH A . 
E 3 HOH 64  264 40  HOH HOH A . 
E 3 HOH 65  265 6   HOH HOH A . 
E 3 HOH 66  266 13  HOH HOH A . 
E 3 HOH 67  267 103 HOH HOH A . 
E 3 HOH 68  268 60  HOH HOH A . 
E 3 HOH 69  269 63  HOH HOH A . 
E 3 HOH 70  270 86  HOH HOH A . 
E 3 HOH 71  271 2   HOH HOH A . 
E 3 HOH 72  272 9   HOH HOH A . 
E 3 HOH 73  273 51  HOH HOH A . 
E 3 HOH 74  274 49  HOH HOH A . 
E 3 HOH 75  275 78  HOH HOH A . 
E 3 HOH 76  276 97  HOH HOH A . 
E 3 HOH 77  277 15  HOH HOH A . 
E 3 HOH 78  278 65  HOH HOH A . 
E 3 HOH 79  279 54  HOH HOH A . 
E 3 HOH 80  280 22  HOH HOH A . 
E 3 HOH 81  281 11  HOH HOH A . 
E 3 HOH 82  282 105 HOH HOH A . 
E 3 HOH 83  283 87  HOH HOH A . 
E 3 HOH 84  284 90  HOH HOH A . 
E 3 HOH 85  285 44  HOH HOH A . 
E 3 HOH 86  286 53  HOH HOH A . 
E 3 HOH 87  287 47  HOH HOH A . 
E 3 HOH 88  288 28  HOH HOH A . 
E 3 HOH 89  289 59  HOH HOH A . 
E 3 HOH 90  290 66  HOH HOH A . 
E 3 HOH 91  291 57  HOH HOH A . 
E 3 HOH 92  292 101 HOH HOH A . 
E 3 HOH 93  293 76  HOH HOH A . 
E 3 HOH 94  294 80  HOH HOH A . 
E 3 HOH 95  295 52  HOH HOH A . 
E 3 HOH 96  296 93  HOH HOH A . 
E 3 HOH 97  297 71  HOH HOH A . 
E 3 HOH 98  298 88  HOH HOH A . 
E 3 HOH 99  299 82  HOH HOH A . 
E 3 HOH 100 300 81  HOH HOH A . 
# 
loop_
_software.citation_id 
_software.classification 
_software.compiler_name 
_software.compiler_version 
_software.contact_author 
_software.contact_author_email 
_software.date 
_software.description 
_software.dependencies 
_software.hardware 
_software.language 
_software.location 
_software.mods 
_software.name 
_software.os 
_software.os_version 
_software.type 
_software.version 
_software.pdbx_ordinal 
? refinement       ? ? ? ? ? ? ? ? ? ? ? REFMAC   ? ? ? 5.8.0425 1 
? 'data reduction' ? ? ? ? ? ? ? ? ? ? ? HKL-2000 ? ? ? .        2 
? 'data scaling'   ? ? ? ? ? ? ? ? ? ? ? HKL-2000 ? ? ? .        3 
? phasing          ? ? ? ? ? ? ? ? ? ? ? PHASER   ? ? ? .        4 
# 
_cell.angle_alpha                  90.000 
_cell.angle_alpha_esd              ? 
_cell.angle_beta                   90.000 
_cell.angle_beta_esd               ? 
_cell.angle_gamma                  120.000 
_cell.angle_gamma_esd              ? 
_cell.entry_id                     9MDY 
_cell.details                      ? 
_cell.formula_units_Z              ? 
_cell.length_a                     40.995 
_cell.length_a_esd                 ? 
_cell.length_b                     40.995 
_cell.length_b_esd                 ? 
_cell.length_c                     122.920 
_cell.length_c_esd                 ? 
_cell.volume                       ? 
_cell.volume_esd                   ? 
_cell.Z_PDB                        18 
_cell.reciprocal_angle_alpha       ? 
_cell.reciprocal_angle_beta        ? 
_cell.reciprocal_angle_gamma       ? 
_cell.reciprocal_angle_alpha_esd   ? 
_cell.reciprocal_angle_beta_esd    ? 
_cell.reciprocal_angle_gamma_esd   ? 
_cell.reciprocal_length_a          ? 
_cell.reciprocal_length_b          ? 
_cell.reciprocal_length_c          ? 
_cell.reciprocal_length_a_esd      ? 
_cell.reciprocal_length_b_esd      ? 
_cell.reciprocal_length_c_esd      ? 
_cell.pdbx_unique_axis             ? 
_cell.pdbx_esd_method              ? 
# 
_symmetry.entry_id                         9MDY 
_symmetry.cell_setting                     ? 
_symmetry.Int_Tables_number                155 
_symmetry.space_group_name_Hall            ? 
_symmetry.space_group_name_H-M             'H 3 2' 
_symmetry.pdbx_full_space_group_name_H-M   ? 
# 
_exptl.absorpt_coefficient_mu     ? 
_exptl.absorpt_correction_T_max   ? 
_exptl.absorpt_correction_T_min   ? 
_exptl.absorpt_correction_type    ? 
_exptl.absorpt_process_details    ? 
_exptl.entry_id                   9MDY 
_exptl.crystals_number            1 
_exptl.details                    ? 
_exptl.method                     'X-RAY DIFFRACTION' 
_exptl.method_details             ? 
# 
_exptl_crystal.colour                       ? 
_exptl_crystal.density_diffrn               ? 
_exptl_crystal.density_Matthews             1.95 
_exptl_crystal.density_method               ? 
_exptl_crystal.density_percent_sol          36.90 
_exptl_crystal.description                  ? 
_exptl_crystal.F_000                        ? 
_exptl_crystal.id                           1 
_exptl_crystal.preparation                  ? 
_exptl_crystal.size_max                     ? 
_exptl_crystal.size_mid                     ? 
_exptl_crystal.size_min                     ? 
_exptl_crystal.size_rad                     ? 
_exptl_crystal.colour_lustre                ? 
_exptl_crystal.colour_modifier              ? 
_exptl_crystal.colour_primary               ? 
_exptl_crystal.density_meas                 ? 
_exptl_crystal.density_meas_esd             ? 
_exptl_crystal.density_meas_gt              ? 
_exptl_crystal.density_meas_lt              ? 
_exptl_crystal.density_meas_temp            ? 
_exptl_crystal.density_meas_temp_esd        ? 
_exptl_crystal.density_meas_temp_gt         ? 
_exptl_crystal.density_meas_temp_lt         ? 
_exptl_crystal.pdbx_crystal_image_url       ? 
_exptl_crystal.pdbx_crystal_image_format    ? 
_exptl_crystal.pdbx_mosaicity               ? 
_exptl_crystal.pdbx_mosaicity_esd           ? 
_exptl_crystal.pdbx_mosaic_method           ? 
_exptl_crystal.pdbx_mosaic_block_size       ? 
_exptl_crystal.pdbx_mosaic_block_size_esd   ? 
# 
_exptl_crystal_grow.apparatus       ? 
_exptl_crystal_grow.atmosphere      ? 
_exptl_crystal_grow.crystal_id      1 
_exptl_crystal_grow.details         ? 
_exptl_crystal_grow.method          'VAPOR DIFFUSION, SITTING DROP' 
_exptl_crystal_grow.method_ref      ? 
_exptl_crystal_grow.pH              7.5 
_exptl_crystal_grow.pressure        ? 
_exptl_crystal_grow.pressure_esd    ? 
_exptl_crystal_grow.seeding         ? 
_exptl_crystal_grow.seeding_ref     ? 
_exptl_crystal_grow.temp_details    ? 
_exptl_crystal_grow.temp_esd        ? 
_exptl_crystal_grow.time            ? 
_exptl_crystal_grow.pdbx_details    
'0.2 M Magnesium chloride hexahydrate, 0.1 M HEPES sodium pH 7.5, 30% v/v Polyethylene glycol 400' 
_exptl_crystal_grow.pdbx_pH_range   ? 
_exptl_crystal_grow.temp            298 
# 
_diffrn.ambient_environment              ? 
_diffrn.ambient_temp                     99 
_diffrn.ambient_temp_details             ? 
_diffrn.ambient_temp_esd                 ? 
_diffrn.crystal_id                       1 
_diffrn.crystal_support                  ? 
_diffrn.crystal_treatment                ? 
_diffrn.details                          ? 
_diffrn.id                               1 
_diffrn.ambient_pressure                 ? 
_diffrn.ambient_pressure_esd             ? 
_diffrn.ambient_pressure_gt              ? 
_diffrn.ambient_pressure_lt              ? 
_diffrn.ambient_temp_gt                  ? 
_diffrn.ambient_temp_lt                  ? 
_diffrn.pdbx_serial_crystal_experiment   N 
# 
_diffrn_detector.details                      ? 
_diffrn_detector.detector                     PIXEL 
_diffrn_detector.diffrn_id                    1 
_diffrn_detector.type                         'DECTRIS PILATUS3 2M' 
_diffrn_detector.area_resol_mean              ? 
_diffrn_detector.dtime                        ? 
_diffrn_detector.pdbx_frames_total            ? 
_diffrn_detector.pdbx_collection_time_total   ? 
_diffrn_detector.pdbx_collection_date         2024-10-30 
_diffrn_detector.pdbx_frequency               ? 
_diffrn_detector.id                           ? 
_diffrn_detector.number_of_axes               ? 
# 
_diffrn_radiation.collimation                      ? 
_diffrn_radiation.diffrn_id                        1 
_diffrn_radiation.filter_edge                      ? 
_diffrn_radiation.inhomogeneity                    ? 
_diffrn_radiation.monochromator                    ? 
_diffrn_radiation.polarisn_norm                    ? 
_diffrn_radiation.polarisn_ratio                   ? 
_diffrn_radiation.probe                            ? 
_diffrn_radiation.type                             ? 
_diffrn_radiation.xray_symbol                      ? 
_diffrn_radiation.wavelength_id                    1 
_diffrn_radiation.pdbx_monochromatic_or_laue_m_l   M 
_diffrn_radiation.pdbx_wavelength_list             ? 
_diffrn_radiation.pdbx_wavelength                  ? 
_diffrn_radiation.pdbx_diffrn_protocol             'SINGLE WAVELENGTH' 
_diffrn_radiation.pdbx_analyzer                    ? 
_diffrn_radiation.pdbx_scattering_type             x-ray 
# 
_diffrn_radiation_wavelength.id           1 
_diffrn_radiation_wavelength.wavelength   0.97741 
_diffrn_radiation_wavelength.wt           1.0 
# 
_diffrn_source.current                     ? 
_diffrn_source.details                     ? 
_diffrn_source.diffrn_id                   1 
_diffrn_source.power                       ? 
_diffrn_source.size                        ? 
_diffrn_source.source                      SYNCHROTRON 
_diffrn_source.target                      ? 
_diffrn_source.type                        'ALS BEAMLINE 5.0.1' 
_diffrn_source.voltage                     ? 
_diffrn_source.take-off_angle              ? 
_diffrn_source.pdbx_wavelength_list        0.97741 
_diffrn_source.pdbx_wavelength             ? 
_diffrn_source.pdbx_synchrotron_beamline   5.0.1 
_diffrn_source.pdbx_synchrotron_site       ALS 
# 
_reflns.B_iso_Wilson_estimate                          ? 
_reflns.entry_id                                       9MDY 
_reflns.data_reduction_details                         ? 
_reflns.data_reduction_method                          ? 
_reflns.d_resolution_high                              1.36 
_reflns.d_resolution_low                               50 
_reflns.details                                        ? 
_reflns.limit_h_max                                    ? 
_reflns.limit_h_min                                    ? 
_reflns.limit_k_max                                    ? 
_reflns.limit_k_min                                    ? 
_reflns.limit_l_max                                    ? 
_reflns.limit_l_min                                    ? 
_reflns.number_all                                     ? 
_reflns.number_obs                                     8888 
_reflns.observed_criterion                             ? 
_reflns.observed_criterion_F_max                       ? 
_reflns.observed_criterion_F_min                       ? 
_reflns.observed_criterion_I_max                       ? 
_reflns.observed_criterion_I_min                       ? 
_reflns.observed_criterion_sigma_F                     ? 
_reflns.observed_criterion_sigma_I                     ? 
_reflns.percent_possible_obs                           100 
_reflns.R_free_details                                 ? 
_reflns.Rmerge_F_all                                   ? 
_reflns.Rmerge_F_obs                                   ? 
_reflns.Friedel_coverage                               ? 
_reflns.number_gt                                      ? 
_reflns.threshold_expression                           ? 
_reflns.pdbx_redundancy                                9.2 
_reflns.pdbx_netI_over_av_sigmaI                       ? 
_reflns.pdbx_netI_over_sigmaI                          49.4 
_reflns.pdbx_res_netI_over_av_sigmaI_2                 ? 
_reflns.pdbx_res_netI_over_sigmaI_2                    ? 
_reflns.pdbx_chi_squared                               0.966 
_reflns.pdbx_scaling_rejects                           ? 
_reflns.pdbx_d_res_high_opt                            ? 
_reflns.pdbx_d_res_low_opt                             ? 
_reflns.pdbx_d_res_opt_method                          ? 
_reflns.phase_calculation_details                      ? 
_reflns.pdbx_Rrim_I_all                                0.047 
_reflns.pdbx_Rpim_I_all                                0.016 
_reflns.pdbx_d_opt                                     ? 
_reflns.pdbx_number_measured_all                       ? 
_reflns.pdbx_diffrn_id                                 1 
_reflns.pdbx_ordinal                                   1 
_reflns.pdbx_CC_half                                   0.999 
_reflns.pdbx_CC_star                                   1.000 
_reflns.pdbx_R_split                                   ? 
_reflns.pdbx_Rmerge_I_obs                              0.044 
_reflns.pdbx_Rmerge_I_all                              ? 
_reflns.pdbx_Rsym_value                                ? 
_reflns.pdbx_CC_split_method                           ? 
_reflns.pdbx_aniso_diffraction_limit_axis_1_ortho[1]   ? 
_reflns.pdbx_aniso_diffraction_limit_axis_1_ortho[2]   ? 
_reflns.pdbx_aniso_diffraction_limit_axis_1_ortho[3]   ? 
_reflns.pdbx_aniso_diffraction_limit_axis_2_ortho[1]   ? 
_reflns.pdbx_aniso_diffraction_limit_axis_2_ortho[2]   ? 
_reflns.pdbx_aniso_diffraction_limit_axis_2_ortho[3]   ? 
_reflns.pdbx_aniso_diffraction_limit_axis_3_ortho[1]   ? 
_reflns.pdbx_aniso_diffraction_limit_axis_3_ortho[2]   ? 
_reflns.pdbx_aniso_diffraction_limit_axis_3_ortho[3]   ? 
_reflns.pdbx_aniso_diffraction_limit_1                 ? 
_reflns.pdbx_aniso_diffraction_limit_2                 ? 
_reflns.pdbx_aniso_diffraction_limit_3                 ? 
_reflns.pdbx_aniso_B_tensor_eigenvector_1_ortho[1]     ? 
_reflns.pdbx_aniso_B_tensor_eigenvector_1_ortho[2]     ? 
_reflns.pdbx_aniso_B_tensor_eigenvector_1_ortho[3]     ? 
_reflns.pdbx_aniso_B_tensor_eigenvector_2_ortho[1]     ? 
_reflns.pdbx_aniso_B_tensor_eigenvector_2_ortho[2]     ? 
_reflns.pdbx_aniso_B_tensor_eigenvector_2_ortho[3]     ? 
_reflns.pdbx_aniso_B_tensor_eigenvector_3_ortho[1]     ? 
_reflns.pdbx_aniso_B_tensor_eigenvector_3_ortho[2]     ? 
_reflns.pdbx_aniso_B_tensor_eigenvector_3_ortho[3]     ? 
_reflns.pdbx_aniso_B_tensor_eigenvalue_1               ? 
_reflns.pdbx_aniso_B_tensor_eigenvalue_2               ? 
_reflns.pdbx_aniso_B_tensor_eigenvalue_3               ? 
_reflns.pdbx_orthogonalization_convention              ? 
_reflns.pdbx_percent_possible_ellipsoidal              ? 
_reflns.pdbx_percent_possible_spherical                ? 
_reflns.pdbx_percent_possible_ellipsoidal_anomalous    ? 
_reflns.pdbx_percent_possible_spherical_anomalous      ? 
_reflns.pdbx_redundancy_anomalous                      ? 
_reflns.pdbx_CC_half_anomalous                         ? 
_reflns.pdbx_absDiff_over_sigma_anomalous              ? 
_reflns.pdbx_percent_possible_anomalous                ? 
_reflns.pdbx_observed_signal_threshold                 ? 
_reflns.pdbx_signal_type                               ? 
_reflns.pdbx_signal_details                            ? 
_reflns.pdbx_signal_software_id                        ? 
# 
_reflns_shell.d_res_high                                    1.36 
_reflns_shell.d_res_low                                     1.38 
_reflns_shell.meanI_over_sigI_all                           ? 
_reflns_shell.meanI_over_sigI_obs                           3.4 
_reflns_shell.number_measured_all                           ? 
_reflns_shell.number_measured_obs                           ? 
_reflns_shell.number_possible                               ? 
_reflns_shell.number_unique_all                             ? 
_reflns_shell.number_unique_obs                             405 
_reflns_shell.percent_possible_obs                          ? 
_reflns_shell.Rmerge_F_all                                  ? 
_reflns_shell.Rmerge_F_obs                                  ? 
_reflns_shell.meanI_over_sigI_gt                            ? 
_reflns_shell.meanI_over_uI_all                             ? 
_reflns_shell.meanI_over_uI_gt                              ? 
_reflns_shell.number_measured_gt                            ? 
_reflns_shell.number_unique_gt                              ? 
_reflns_shell.percent_possible_gt                           ? 
_reflns_shell.Rmerge_F_gt                                   ? 
_reflns_shell.Rmerge_I_gt                                   ? 
_reflns_shell.pdbx_redundancy                               6.7 
_reflns_shell.pdbx_chi_squared                              0.951 
_reflns_shell.pdbx_netI_over_sigmaI_all                     ? 
_reflns_shell.pdbx_netI_over_sigmaI_obs                     ? 
_reflns_shell.pdbx_Rrim_I_all                               0.533 
_reflns_shell.pdbx_Rpim_I_all                               0.201 
_reflns_shell.pdbx_rejects                                  ? 
_reflns_shell.pdbx_ordinal                                  1 
_reflns_shell.pdbx_diffrn_id                                1 
_reflns_shell.pdbx_CC_half                                  0.899 
_reflns_shell.pdbx_CC_star                                  0.973 
_reflns_shell.pdbx_R_split                                  ? 
_reflns_shell.percent_possible_all                          100 
_reflns_shell.Rmerge_I_all                                  ? 
_reflns_shell.Rmerge_I_obs                                  0.493 
_reflns_shell.pdbx_Rsym_value                               ? 
_reflns_shell.pdbx_percent_possible_ellipsoidal             ? 
_reflns_shell.pdbx_percent_possible_spherical               ? 
_reflns_shell.pdbx_percent_possible_ellipsoidal_anomalous   ? 
_reflns_shell.pdbx_percent_possible_spherical_anomalous     ? 
_reflns_shell.pdbx_redundancy_anomalous                     ? 
_reflns_shell.pdbx_CC_half_anomalous                        ? 
_reflns_shell.pdbx_absDiff_over_sigma_anomalous             ? 
_reflns_shell.pdbx_percent_possible_anomalous               ? 
# 
_refine.aniso_B[1][1]                            -0.004 
_refine.aniso_B[1][2]                            -0.002 
_refine.aniso_B[1][3]                            0.000 
_refine.aniso_B[2][2]                            -0.004 
_refine.aniso_B[2][3]                            -0.000 
_refine.aniso_B[3][3]                            0.013 
_refine.B_iso_max                                ? 
_refine.B_iso_mean                               12.214 
_refine.B_iso_min                                ? 
_refine.correlation_coeff_Fo_to_Fc               0.972 
_refine.correlation_coeff_Fo_to_Fc_free          0.963 
_refine.details                                  'Hydrogens have been added in their riding positions' 
_refine.diff_density_max                         ? 
_refine.diff_density_max_esd                     ? 
_refine.diff_density_min                         ? 
_refine.diff_density_min_esd                     ? 
_refine.diff_density_rms                         ? 
_refine.diff_density_rms_esd                     ? 
_refine.entry_id                                 9MDY 
_refine.pdbx_refine_id                           'X-RAY DIFFRACTION' 
_refine.ls_abs_structure_details                 ? 
_refine.ls_abs_structure_Flack                   ? 
_refine.ls_abs_structure_Flack_esd               ? 
_refine.ls_abs_structure_Rogers                  ? 
_refine.ls_abs_structure_Rogers_esd              ? 
_refine.ls_d_res_high                            1.360 
_refine.ls_d_res_low                             40.973 
_refine.ls_extinction_coef                       ? 
_refine.ls_extinction_coef_esd                   ? 
_refine.ls_extinction_expression                 ? 
_refine.ls_extinction_method                     ? 
_refine.ls_goodness_of_fit_all                   ? 
_refine.ls_goodness_of_fit_all_esd               ? 
_refine.ls_goodness_of_fit_obs                   ? 
_refine.ls_goodness_of_fit_obs_esd               ? 
_refine.ls_hydrogen_treatment                    ? 
_refine.ls_matrix_type                           ? 
_refine.ls_number_constraints                    ? 
_refine.ls_number_parameters                     ? 
_refine.ls_number_reflns_all                     ? 
_refine.ls_number_reflns_obs                     8856 
_refine.ls_number_reflns_R_free                  413 
_refine.ls_number_reflns_R_work                  8443 
_refine.ls_number_restraints                     ? 
_refine.ls_percent_reflns_obs                    99.394 
_refine.ls_percent_reflns_R_free                 4.664 
_refine.ls_R_factor_all                          0.187 
_refine.ls_R_factor_obs                          ? 
_refine.ls_R_factor_R_free                       0.2175 
_refine.ls_R_factor_R_free_error                 ? 
_refine.ls_R_factor_R_free_error_details         ? 
_refine.ls_R_factor_R_work                       0.1856 
_refine.ls_R_Fsqd_factor_obs                     ? 
_refine.ls_R_I_factor_obs                        ? 
_refine.ls_redundancy_reflns_all                 ? 
_refine.ls_redundancy_reflns_obs                 ? 
_refine.ls_restrained_S_all                      ? 
_refine.ls_restrained_S_obs                      ? 
_refine.ls_shift_over_esd_max                    ? 
_refine.ls_shift_over_esd_mean                   ? 
_refine.ls_structure_factor_coef                 ? 
_refine.ls_weighting_details                     ? 
_refine.ls_weighting_scheme                      ? 
_refine.ls_wR_factor_all                         ? 
_refine.ls_wR_factor_obs                         ? 
_refine.ls_wR_factor_R_free                      ? 
_refine.ls_wR_factor_R_work                      ? 
_refine.occupancy_max                            ? 
_refine.occupancy_min                            ? 
_refine.solvent_model_details                    'MASK BULK SOLVENT' 
_refine.solvent_model_param_bsol                 ? 
_refine.solvent_model_param_ksol                 ? 
_refine.pdbx_R_complete                          ? 
_refine.ls_R_factor_gt                           ? 
_refine.ls_goodness_of_fit_gt                    ? 
_refine.ls_goodness_of_fit_ref                   ? 
_refine.ls_shift_over_su_max                     ? 
_refine.ls_shift_over_su_max_lt                  ? 
_refine.ls_shift_over_su_mean                    ? 
_refine.ls_shift_over_su_mean_lt                 ? 
_refine.pdbx_ls_sigma_I                          ? 
_refine.pdbx_ls_sigma_F                          ? 
_refine.pdbx_ls_sigma_Fsqd                       ? 
_refine.pdbx_data_cutoff_high_absF               ? 
_refine.pdbx_data_cutoff_high_rms_absF           ? 
_refine.pdbx_data_cutoff_low_absF                ? 
_refine.pdbx_isotropic_thermal_model             ? 
_refine.pdbx_ls_cross_valid_method               THROUGHOUT 
_refine.pdbx_method_to_determine_struct          'MOLECULAR REPLACEMENT' 
_refine.pdbx_starting_model                      ? 
_refine.pdbx_stereochemistry_target_values       ? 
_refine.pdbx_R_Free_selection_details            ? 
_refine.pdbx_stereochem_target_val_spec_case     ? 
_refine.pdbx_overall_ESU_R                       0.066 
_refine.pdbx_overall_ESU_R_Free                  0.069 
_refine.pdbx_solvent_vdw_probe_radii             1.200 
_refine.pdbx_solvent_ion_probe_radii             0.800 
_refine.pdbx_solvent_shrinkage_radii             0.800 
_refine.pdbx_real_space_R                        ? 
_refine.pdbx_density_correlation                 ? 
_refine.pdbx_pd_number_of_powder_patterns        ? 
_refine.pdbx_pd_number_of_points                 ? 
_refine.pdbx_pd_meas_number_of_points            ? 
_refine.pdbx_pd_proc_ls_prof_R_factor            ? 
_refine.pdbx_pd_proc_ls_prof_wR_factor           ? 
_refine.pdbx_pd_Marquardt_correlation_coeff      ? 
_refine.pdbx_pd_Fsqrd_R_factor                   ? 
_refine.pdbx_pd_ls_matrix_band_width             ? 
_refine.pdbx_overall_phase_error                 ? 
_refine.pdbx_overall_SU_R_free_Cruickshank_DPI   ? 
_refine.pdbx_overall_SU_R_free_Blow_DPI          ? 
_refine.pdbx_overall_SU_R_Blow_DPI               ? 
_refine.pdbx_TLS_residual_ADP_flag               ? 
_refine.pdbx_diffrn_id                           1 
_refine.overall_SU_B                             1.108 
_refine.overall_SU_ML                            0.046 
_refine.overall_SU_R_Cruickshank_DPI             ? 
_refine.overall_SU_R_free                        ? 
_refine.overall_FOM_free_R_set                   ? 
_refine.overall_FOM_work_R_set                   ? 
_refine.pdbx_average_fsc_overall                 ? 
_refine.pdbx_average_fsc_work                    ? 
_refine.pdbx_average_fsc_free                    ? 
# 
_refine_hist.pdbx_refine_id                   'X-RAY DIFFRACTION' 
_refine_hist.cycle_id                         LAST 
_refine_hist.details                          ? 
_refine_hist.d_res_high                       1.360 
_refine_hist.d_res_low                        40.973 
_refine_hist.number_atoms_solvent             100 
_refine_hist.number_atoms_total               439 
_refine_hist.number_reflns_all                ? 
_refine_hist.number_reflns_obs                ? 
_refine_hist.number_reflns_R_free             ? 
_refine_hist.number_reflns_R_work             ? 
_refine_hist.R_factor_all                     ? 
_refine_hist.R_factor_obs                     ? 
_refine_hist.R_factor_R_free                  ? 
_refine_hist.R_factor_R_work                  ? 
_refine_hist.pdbx_number_residues_total       ? 
_refine_hist.pdbx_B_iso_mean_ligand           ? 
_refine_hist.pdbx_B_iso_mean_solvent          ? 
_refine_hist.pdbx_number_atoms_protein        0 
_refine_hist.pdbx_number_atoms_nucleic_acid   336 
_refine_hist.pdbx_number_atoms_ligand         3 
_refine_hist.pdbx_number_atoms_lipid          ? 
_refine_hist.pdbx_number_atoms_carb           ? 
_refine_hist.pdbx_pseudo_atom_details         ? 
# 
loop_
_refine_ls_restr.pdbx_refine_id 
_refine_ls_restr.criterion 
_refine_ls_restr.dev_ideal 
_refine_ls_restr.dev_ideal_target 
_refine_ls_restr.number 
_refine_ls_restr.rejects 
_refine_ls_restr.type 
_refine_ls_restr.weight 
_refine_ls_restr.pdbx_restraint_function 
'X-RAY DIFFRACTION' ? 0.013 0.012  375 ? r_bond_refined_d               ? ? 
'X-RAY DIFFRACTION' ? 0.033 0.020  158 ? r_bond_other_d                 ? ? 
'X-RAY DIFFRACTION' ? 2.250 1.890  574 ? r_angle_refined_deg            ? ? 
'X-RAY DIFFRACTION' ? 3.073 1.786  384 ? r_angle_other_deg              ? ? 
'X-RAY DIFFRACTION' ? 0.062 5.000  11  ? r_dihedral_angle_other_2_deg   ? ? 
'X-RAY DIFFRACTION' ? 0.091 0.200  77  ? r_chiral_restr                 ? ? 
'X-RAY DIFFRACTION' ? 2.144 0.200  2   ? r_chiral_restr_other           ? ? 
'X-RAY DIFFRACTION' ? 0.029 0.020  185 ? r_gen_planes_refined           ? ? 
'X-RAY DIFFRACTION' ? 0.001 0.020  59  ? r_gen_planes_other             ? ? 
'X-RAY DIFFRACTION' ? 0.087 0.200  38  ? r_nbd_refined                  ? ? 
'X-RAY DIFFRACTION' ? 0.199 0.200  159 ? r_symmetry_nbd_other           ? ? 
'X-RAY DIFFRACTION' ? 0.250 0.200  140 ? r_nbtor_refined                ? ? 
'X-RAY DIFFRACTION' ? 0.075 0.200  109 ? r_symmetry_nbtor_other         ? ? 
'X-RAY DIFFRACTION' ? 0.223 0.200  63  ? r_xyhbond_nbd_refined          ? ? 
'X-RAY DIFFRACTION' ? 0.079 0.200  3   ? r_metal_ion_refined            ? ? 
'X-RAY DIFFRACTION' ? 0.101 0.200  8   ? r_symmetry_nbd_refined         ? ? 
'X-RAY DIFFRACTION' ? 0.167 0.200  61  ? r_nbd_other                    ? ? 
'X-RAY DIFFRACTION' ? 0.196 0.200  27  ? r_symmetry_xyhbond_nbd_refined ? ? 
'X-RAY DIFFRACTION' ? 1.423 1.343  375 ? r_scbond_it                    ? ? 
'X-RAY DIFFRACTION' ? 1.421 1.342  376 ? r_scbond_other                 ? ? 
'X-RAY DIFFRACTION' ? 1.978 2.444  574 ? r_scangle_it                   ? ? 
'X-RAY DIFFRACTION' ? 1.976 2.442  575 ? r_scangle_other                ? ? 
'X-RAY DIFFRACTION' ? 6.866 24.608 554 ? r_lrange_it                    ? ? 
'X-RAY DIFFRACTION' ? 6.333 20.302 516 ? r_lrange_other                 ? ? 
# 
loop_
_refine_ls_shell.pdbx_refine_id 
_refine_ls_shell.d_res_high 
_refine_ls_shell.d_res_low 
_refine_ls_shell.number_reflns_all 
_refine_ls_shell.number_reflns_obs 
_refine_ls_shell.number_reflns_R_free 
_refine_ls_shell.number_reflns_R_work 
_refine_ls_shell.percent_reflns_obs 
_refine_ls_shell.percent_reflns_R_free 
_refine_ls_shell.R_factor_all 
_refine_ls_shell.R_factor_obs 
_refine_ls_shell.R_factor_R_free_error 
_refine_ls_shell.R_factor_R_work 
_refine_ls_shell.redundancy_reflns_all 
_refine_ls_shell.redundancy_reflns_obs 
_refine_ls_shell.wR_factor_all 
_refine_ls_shell.wR_factor_obs 
_refine_ls_shell.wR_factor_R_free 
_refine_ls_shell.wR_factor_R_work 
_refine_ls_shell.pdbx_R_complete 
_refine_ls_shell.pdbx_total_number_of_bins_used 
_refine_ls_shell.pdbx_phase_error 
_refine_ls_shell.pdbx_fsc_work 
_refine_ls_shell.pdbx_fsc_free 
_refine_ls_shell.R_factor_R_free 
'X-RAY DIFFRACTION' 1.360 1.395  642 . 34 554 91.5888  . 0.257 . . 0.257 . . . . . 0.221 . 20 . 0.955 0.958 0.266 
'X-RAY DIFFRACTION' 1.395 1.433  627 . 28 599 100.0000 . 0.256 . . 0.258 . . . . . 0.219 . 20 . 0.956 0.970 0.212 
'X-RAY DIFFRACTION' 1.433 1.475  614 . 29 585 100.0000 . 0.241 . . 0.238 . . . . . 0.206 . 20 . 0.963 0.932 0.284 
'X-RAY DIFFRACTION' 1.475 1.520  595 . 33 562 100.0000 . 0.238 . . 0.240 . . . . . 0.209 . 20 . 0.963 0.969 0.212 
'X-RAY DIFFRACTION' 1.520 1.570  573 . 25 548 100.0000 . 0.223 . . 0.221 . . . . . 0.190 . 20 . 0.969 0.956 0.277 
'X-RAY DIFFRACTION' 1.570 1.625  570 . 31 539 100.0000 . 0.214 . . 0.213 . . . . . 0.192 . 20 . 0.972 0.965 0.236 
'X-RAY DIFFRACTION' 1.625 1.686  540 . 20 520 100.0000 . 0.205 . . 0.202 . . . . . 0.178 . 20 . 0.974 0.960 0.274 
'X-RAY DIFFRACTION' 1.686 1.755  512 . 20 492 100.0000 . 0.193 . . 0.193 . . . . . 0.177 . 20 . 0.978 0.979 0.193 
'X-RAY DIFFRACTION' 1.755 1.833  493 . 25 468 100.0000 . 0.198 . . 0.197 . . . . . 0.182 . 20 . 0.974 0.968 0.232 
'X-RAY DIFFRACTION' 1.833 1.922  487 . 28 459 100.0000 . 0.212 . . 0.211 . . . . . 0.195 . 20 . 0.971 0.967 0.223 
'X-RAY DIFFRACTION' 1.922 2.026  467 . 18 449 100.0000 . 0.206 . . 0.204 . . . . . 0.196 . 20 . 0.972 0.972 0.245 
'X-RAY DIFFRACTION' 2.026 2.148  446 . 23 423 100.0000 . 0.181 . . 0.180 . . . . . 0.176 . 20 . 0.979 0.981 0.191 
'X-RAY DIFFRACTION' 2.148 2.296  396 . 22 374 100.0000 . 0.204 . . 0.199 . . . . . 0.202 . 20 . 0.976 0.953 0.300 
'X-RAY DIFFRACTION' 2.296 2.480  381 . 18 363 100.0000 . 0.188 . . 0.186 . . . . . 0.198 . 20 . 0.978 0.973 0.209 
'X-RAY DIFFRACTION' 2.480 2.715  372 . 17 355 100.0000 . 0.198 . . 0.199 . . . . . 0.222 . 20 . 0.975 0.981 0.172 
'X-RAY DIFFRACTION' 2.715 3.034  317 . 11 306 100.0000 . 0.179 . . 0.181 . . . . . 0.208 . 20 . 0.979 0.992 0.151 
'X-RAY DIFFRACTION' 3.034 3.500  291 . 10 281 100.0000 . 0.134 . . 0.131 . . . . . 0.173 . 20 . 0.990 0.983 0.205 
'X-RAY DIFFRACTION' 3.500 4.279  257 . 7  250 100.0000 . 0.133 . . 0.132 . . . . . 0.169 . 20 . 0.990 0.996 0.141 
'X-RAY DIFFRACTION' 4.279 6.019  201 . 11 190 100.0000 . 0.146 . . 0.142 . . . . . 0.207 . 20 . 0.988 0.978 0.244 
'X-RAY DIFFRACTION' 6.019 40.973 129 . 3  126 100.0000 . 0.201 . . 0.199 . . . . . 0.293 . 20 . 0.974 0.562 0.302 
# 
_struct.entry_id                     9MDY 
_struct.title                        '16mer self-complementary duplex RNA with s(2)U:A pair sequence 2' 
_struct.pdbx_model_details           ? 
_struct.pdbx_formula_weight          ? 
_struct.pdbx_formula_weight_method   ? 
_struct.pdbx_model_type_details      ? 
_struct.pdbx_CASP_flag               N 
# 
_struct_keywords.entry_id        9MDY 
_struct_keywords.text            '2-Thiouridine, Nucleobase modification, Non-canonical Base Pair, RNA, Orgin of Life' 
_struct_keywords.pdbx_keywords   RNA 
# 
loop_
_struct_asym.id 
_struct_asym.pdbx_blank_PDB_chainid_flag 
_struct_asym.pdbx_modified 
_struct_asym.entity_id 
_struct_asym.details 
A N N 1 ? 
B N N 2 ? 
C N N 2 ? 
D N N 2 ? 
E N N 3 ? 
# 
_struct_ref.id                         1 
_struct_ref.db_name                    PDB 
_struct_ref.db_code                    9MDY 
_struct_ref.pdbx_db_accession          9MDY 
_struct_ref.pdbx_db_isoform            ? 
_struct_ref.entity_id                  1 
_struct_ref.pdbx_seq_one_letter_code   ? 
_struct_ref.pdbx_align_begin           1 
# 
_struct_ref_seq.align_id                      1 
_struct_ref_seq.ref_id                        1 
_struct_ref_seq.pdbx_PDB_id_code              9MDY 
_struct_ref_seq.pdbx_strand_id                A 
_struct_ref_seq.seq_align_beg                 1 
_struct_ref_seq.pdbx_seq_align_beg_ins_code   ? 
_struct_ref_seq.seq_align_end                 16 
_struct_ref_seq.pdbx_seq_align_end_ins_code   ? 
_struct_ref_seq.pdbx_db_accession             9MDY 
_struct_ref_seq.db_align_beg                  1 
_struct_ref_seq.pdbx_db_align_beg_ins_code    ? 
_struct_ref_seq.db_align_end                  16 
_struct_ref_seq.pdbx_db_align_end_ins_code    ? 
_struct_ref_seq.pdbx_auth_seq_align_beg       1 
_struct_ref_seq.pdbx_auth_seq_align_end       16 
# 
_pdbx_struct_assembly.id                   1 
_pdbx_struct_assembly.details              author_and_software_defined_assembly 
_pdbx_struct_assembly.method_details       PISA 
_pdbx_struct_assembly.oligomeric_details   dimeric 
_pdbx_struct_assembly.oligomeric_count     2 
# 
loop_
_pdbx_struct_assembly_gen.assembly_id 
_pdbx_struct_assembly_gen.oper_expression 
_pdbx_struct_assembly_gen.asym_id_list 
1 1 A,B,C,D,E 
1 2 A,B,C,D,E 
# 
_pdbx_struct_assembly_auth_evidence.id                     1 
_pdbx_struct_assembly_auth_evidence.assembly_id            1 
_pdbx_struct_assembly_auth_evidence.experimental_support   none 
_pdbx_struct_assembly_auth_evidence.details                ? 
# 
loop_
_pdbx_struct_oper_list.id 
_pdbx_struct_oper_list.type 
_pdbx_struct_oper_list.name 
_pdbx_struct_oper_list.symmetry_operation 
_pdbx_struct_oper_list.matrix[1][1] 
_pdbx_struct_oper_list.matrix[1][2] 
_pdbx_struct_oper_list.matrix[1][3] 
_pdbx_struct_oper_list.vector[1] 
_pdbx_struct_oper_list.matrix[2][1] 
_pdbx_struct_oper_list.matrix[2][2] 
_pdbx_struct_oper_list.matrix[2][3] 
_pdbx_struct_oper_list.vector[2] 
_pdbx_struct_oper_list.matrix[3][1] 
_pdbx_struct_oper_list.matrix[3][2] 
_pdbx_struct_oper_list.matrix[3][3] 
_pdbx_struct_oper_list.vector[3] 
1 'identity operation'         1_555 x,y,z  1.0000000000  0.0000000000 0.0000000000  0.0000000000  0.0000000000 1.0000000000 0.0000000000  0.0000000000 0.0000000000  0.0000000000  1.0000000000  0.0000000000  
2 'crystal symmetry operation' 4_555 y,x,-z -0.8616469185 0.4770208926 -0.1732502694 -3.2696461978 0.4770208926 0.6446972452 -0.5973412174 0.1054952931 -0.1732502694 -0.5973412174 -0.7830503267 -2.3205861071 
# 
loop_
_struct_conn.id 
_struct_conn.conn_type_id 
_struct_conn.pdbx_leaving_atom_flag 
_struct_conn.pdbx_PDB_id 
_struct_conn.ptnr1_label_asym_id 
_struct_conn.ptnr1_label_comp_id 
_struct_conn.ptnr1_label_seq_id 
_struct_conn.ptnr1_label_atom_id 
_struct_conn.pdbx_ptnr1_label_alt_id 
_struct_conn.pdbx_ptnr1_PDB_ins_code 
_struct_conn.pdbx_ptnr1_standard_comp_id 
_struct_conn.ptnr1_symmetry 
_struct_conn.ptnr2_label_asym_id 
_struct_conn.ptnr2_label_comp_id 
_struct_conn.ptnr2_label_seq_id 
_struct_conn.ptnr2_label_atom_id 
_struct_conn.pdbx_ptnr2_label_alt_id 
_struct_conn.pdbx_ptnr2_PDB_ins_code 
_struct_conn.ptnr1_auth_asym_id 
_struct_conn.ptnr1_auth_comp_id 
_struct_conn.ptnr1_auth_seq_id 
_struct_conn.ptnr2_auth_asym_id 
_struct_conn.ptnr2_auth_comp_id 
_struct_conn.ptnr2_auth_seq_id 
_struct_conn.ptnr2_symmetry 
_struct_conn.pdbx_ptnr3_label_atom_id 
_struct_conn.pdbx_ptnr3_label_seq_id 
_struct_conn.pdbx_ptnr3_label_comp_id 
_struct_conn.pdbx_ptnr3_label_asym_id 
_struct_conn.pdbx_ptnr3_label_alt_id 
_struct_conn.pdbx_ptnr3_PDB_ins_code 
_struct_conn.details 
_struct_conn.pdbx_dist_value 
_struct_conn.pdbx_value_order 
_struct_conn.pdbx_role 
covale1  covale both ? A A   8  "O3'" ? ? ? 1_555 A SUR 9  P  ? ? A A   8   A SUR 9   1_555 ? ? ? ? ? ? ?            1.609 ? ? 
covale2  covale both ? A SUR 9  "O3'" ? ? ? 1_555 A C   10 P  ? ? A SUR 9   A C   10  1_555 ? ? ? ? ? ? ?            1.591 ? ? 
metalc1  metalc ?    ? A C   13 "O2'" ? ? ? 1_555 D MG  .  MG ? ? A C   13  A MG  103 1_555 ? ? ? ? ? ? ?            2.590 ? ? 
metalc2  metalc ?    ? A C   13 "O2'" ? ? ? 1_555 D MG  .  MG ? ? A C   13  A MG  103 2_665 ? ? ? ? ? ? ?            2.590 ? ? 
metalc3  metalc ?    ? B MG  .  MG    ? ? ? 1_555 E HOH .  O  ? ? A MG  101 A HOH 217 1_555 ? ? ? ? ? ? ?            2.179 ? ? 
metalc4  metalc ?    ? B MG  .  MG    ? ? ? 1_555 E HOH .  O  ? ? A MG  101 A HOH 219 1_555 ? ? ? ? ? ? ?            2.184 ? ? 
metalc5  metalc ?    ? B MG  .  MG    ? ? ? 1_555 E HOH .  O  ? ? A MG  101 A HOH 248 1_555 ? ? ? ? ? ? ?            1.936 ? ? 
metalc6  metalc ?    ? B MG  .  MG    ? ? ? 1_555 E HOH .  O  ? ? A MG  101 A HOH 295 1_555 ? ? ? ? ? ? ?            2.101 ? ? 
metalc7  metalc ?    ? B MG  .  MG    ? ? ? 1_555 E HOH .  O  ? ? A MG  101 A HOH 299 1_555 ? ? ? ? ? ? ?            1.963 ? ? 
metalc8  metalc ?    ? B MG  .  MG    ? ? ? 1_555 E HOH .  O  ? ? A MG  101 A HOH 300 1_555 ? ? ? ? ? ? ?            2.225 ? ? 
metalc9  metalc ?    ? C MG  .  MG    ? ? ? 1_555 E HOH .  O  ? ? A MG  102 A HOH 211 1_555 ? ? ? ? ? ? ?            1.867 ? ? 
metalc10 metalc ?    ? C MG  .  MG    ? ? ? 1_555 E HOH .  O  ? ? A MG  102 A HOH 236 1_555 ? ? ? ? ? ? ?            2.091 ? ? 
metalc11 metalc ?    ? C MG  .  MG    ? ? ? 1_555 E HOH .  O  ? ? A MG  102 A HOH 280 1_555 ? ? ? ? ? ? ?            2.029 ? ? 
metalc12 metalc ?    ? C MG  .  MG    ? ? ? 1_555 E HOH .  O  ? ? A MG  102 A HOH 286 1_555 ? ? ? ? ? ? ?            2.263 ? ? 
metalc13 metalc ?    ? D MG  .  MG    ? ? ? 1_555 E HOH .  O  ? ? A MG  103 A HOH 257 1_555 ? ? ? ? ? ? ?            2.984 ? ? 
metalc14 metalc ?    ? D MG  .  MG    ? ? ? 1_555 E HOH .  O  ? ? A MG  103 A HOH 257 2_665 ? ? ? ? ? ? ?            2.984 ? ? 
hydrog1  hydrog ?    ? A A   1  N1    ? ? ? 1_555 A U   16 N3 ? ? A A   1   A U   16  4_555 ? ? ? ? ? ? WATSON-CRICK ?     ? ? 
hydrog2  hydrog ?    ? A A   1  N6    ? ? ? 1_555 A U   16 O4 ? ? A A   1   A U   16  4_555 ? ? ? ? ? ? WATSON-CRICK ?     ? ? 
hydrog3  hydrog ?    ? A G   2  N1    ? ? ? 1_555 A C   15 N3 ? ? A G   2   A C   15  4_555 ? ? ? ? ? ? WATSON-CRICK ?     ? ? 
hydrog4  hydrog ?    ? A G   2  N2    ? ? ? 1_555 A C   15 O2 ? ? A G   2   A C   15  4_555 ? ? ? ? ? ? WATSON-CRICK ?     ? ? 
hydrog5  hydrog ?    ? A G   2  O6    ? ? ? 1_555 A C   15 N4 ? ? A G   2   A C   15  4_555 ? ? ? ? ? ? WATSON-CRICK ?     ? ? 
hydrog6  hydrog ?    ? A A   3  N1    ? ? ? 1_555 A U   14 N3 ? ? A A   3   A U   14  4_555 ? ? ? ? ? ? WATSON-CRICK ?     ? ? 
hydrog7  hydrog ?    ? A A   3  N6    ? ? ? 1_555 A U   14 O4 ? ? A A   3   A U   14  4_555 ? ? ? ? ? ? WATSON-CRICK ?     ? ? 
hydrog8  hydrog ?    ? A G   4  N1    ? ? ? 1_555 A C   13 N3 ? ? A G   4   A C   13  4_555 ? ? ? ? ? ? WATSON-CRICK ?     ? ? 
hydrog9  hydrog ?    ? A G   4  N2    ? ? ? 1_555 A C   13 O2 ? ? A G   4   A C   13  4_555 ? ? ? ? ? ? WATSON-CRICK ?     ? ? 
hydrog10 hydrog ?    ? A G   4  O6    ? ? ? 1_555 A C   13 N4 ? ? A G   4   A C   13  4_555 ? ? ? ? ? ? WATSON-CRICK ?     ? ? 
hydrog11 hydrog ?    ? A A   5  N1    ? ? ? 1_555 A U   12 N3 ? ? A A   5   A U   12  4_555 ? ? ? ? ? ? WATSON-CRICK ?     ? ? 
hydrog12 hydrog ?    ? A A   5  N6    ? ? ? 1_555 A U   12 O4 ? ? A A   5   A U   12  4_555 ? ? ? ? ? ? WATSON-CRICK ?     ? ? 
hydrog13 hydrog ?    ? A A   6  N1    ? ? ? 1_555 A U   11 N3 ? ? A A   6   A U   11  4_555 ? ? ? ? ? ? WATSON-CRICK ?     ? ? 
hydrog14 hydrog ?    ? A A   6  N6    ? ? ? 1_555 A U   11 O4 ? ? A A   6   A U   11  4_555 ? ? ? ? ? ? WATSON-CRICK ?     ? ? 
hydrog15 hydrog ?    ? A G   7  N1    ? ? ? 1_555 A C   10 N3 ? ? A G   7   A C   10  4_555 ? ? ? ? ? ? WATSON-CRICK ?     ? ? 
hydrog16 hydrog ?    ? A G   7  N2    ? ? ? 1_555 A C   10 O2 ? ? A G   7   A C   10  4_555 ? ? ? ? ? ? WATSON-CRICK ?     ? ? 
hydrog17 hydrog ?    ? A G   7  O6    ? ? ? 1_555 A C   10 N4 ? ? A G   7   A C   10  4_555 ? ? ? ? ? ? WATSON-CRICK ?     ? ? 
hydrog18 hydrog ?    ? A A   8  N1    ? ? ? 1_555 A SUR 9  N3 ? ? A A   8   A SUR 9   4_555 ? ? ? ? ? ? WATSON-CRICK ?     ? ? 
hydrog19 hydrog ?    ? A A   8  N6    ? ? ? 1_555 A SUR 9  O4 ? ? A A   8   A SUR 9   4_555 ? ? ? ? ? ? WATSON-CRICK ?     ? ? 
hydrog20 hydrog ?    ? A SUR 9  N3    ? ? ? 1_555 A A   8  N1 ? ? A SUR 9   A A   8   4_555 ? ? ? ? ? ? WATSON-CRICK ?     ? ? 
hydrog21 hydrog ?    ? A SUR 9  O4    ? ? ? 1_555 A A   8  N6 ? ? A SUR 9   A A   8   4_555 ? ? ? ? ? ? WATSON-CRICK ?     ? ? 
hydrog22 hydrog ?    ? A C   10 N3    ? ? ? 1_555 A G   7  N1 ? ? A C   10  A G   7   4_555 ? ? ? ? ? ? WATSON-CRICK ?     ? ? 
hydrog23 hydrog ?    ? A C   10 N4    ? ? ? 1_555 A G   7  O6 ? ? A C   10  A G   7   4_555 ? ? ? ? ? ? WATSON-CRICK ?     ? ? 
hydrog24 hydrog ?    ? A C   10 O2    ? ? ? 1_555 A G   7  N2 ? ? A C   10  A G   7   4_555 ? ? ? ? ? ? WATSON-CRICK ?     ? ? 
hydrog25 hydrog ?    ? A U   11 N3    ? ? ? 1_555 A A   6  N1 ? ? A U   11  A A   6   4_555 ? ? ? ? ? ? WATSON-CRICK ?     ? ? 
hydrog26 hydrog ?    ? A U   11 O4    ? ? ? 1_555 A A   6  N6 ? ? A U   11  A A   6   4_555 ? ? ? ? ? ? WATSON-CRICK ?     ? ? 
hydrog27 hydrog ?    ? A U   12 N3    ? ? ? 1_555 A A   5  N1 ? ? A U   12  A A   5   4_555 ? ? ? ? ? ? WATSON-CRICK ?     ? ? 
hydrog28 hydrog ?    ? A U   12 O4    ? ? ? 1_555 A A   5  N6 ? ? A U   12  A A   5   4_555 ? ? ? ? ? ? WATSON-CRICK ?     ? ? 
hydrog29 hydrog ?    ? A C   13 N3    ? ? ? 1_555 A G   4  N1 ? ? A C   13  A G   4   4_555 ? ? ? ? ? ? WATSON-CRICK ?     ? ? 
hydrog30 hydrog ?    ? A C   13 N4    ? ? ? 1_555 A G   4  O6 ? ? A C   13  A G   4   4_555 ? ? ? ? ? ? WATSON-CRICK ?     ? ? 
hydrog31 hydrog ?    ? A C   13 O2    ? ? ? 1_555 A G   4  N2 ? ? A C   13  A G   4   4_555 ? ? ? ? ? ? WATSON-CRICK ?     ? ? 
hydrog32 hydrog ?    ? A U   14 N3    ? ? ? 1_555 A A   3  N1 ? ? A U   14  A A   3   4_555 ? ? ? ? ? ? WATSON-CRICK ?     ? ? 
hydrog33 hydrog ?    ? A U   14 O4    ? ? ? 1_555 A A   3  N6 ? ? A U   14  A A   3   4_555 ? ? ? ? ? ? WATSON-CRICK ?     ? ? 
hydrog34 hydrog ?    ? A C   15 N3    ? ? ? 1_555 A G   2  N1 ? ? A C   15  A G   2   4_555 ? ? ? ? ? ? WATSON-CRICK ?     ? ? 
hydrog35 hydrog ?    ? A C   15 N4    ? ? ? 1_555 A G   2  O6 ? ? A C   15  A G   2   4_555 ? ? ? ? ? ? WATSON-CRICK ?     ? ? 
hydrog36 hydrog ?    ? A C   15 O2    ? ? ? 1_555 A G   2  N2 ? ? A C   15  A G   2   4_555 ? ? ? ? ? ? WATSON-CRICK ?     ? ? 
hydrog37 hydrog ?    ? A U   16 N3    ? ? ? 1_555 A A   1  N1 ? ? A U   16  A A   1   4_555 ? ? ? ? ? ? WATSON-CRICK ?     ? ? 
hydrog38 hydrog ?    ? A U   16 O4    ? ? ? 1_555 A A   1  N6 ? ? A U   16  A A   1   4_555 ? ? ? ? ? ? WATSON-CRICK ?     ? ? 
# 
loop_
_struct_conn_type.id 
_struct_conn_type.criteria 
_struct_conn_type.reference 
covale ? ? 
metalc ? ? 
hydrog ? ? 
# 
loop_
_pdbx_struct_conn_angle.id 
_pdbx_struct_conn_angle.ptnr1_label_atom_id 
_pdbx_struct_conn_angle.ptnr1_label_alt_id 
_pdbx_struct_conn_angle.ptnr1_label_asym_id 
_pdbx_struct_conn_angle.ptnr1_label_comp_id 
_pdbx_struct_conn_angle.ptnr1_label_seq_id 
_pdbx_struct_conn_angle.ptnr1_auth_atom_id 
_pdbx_struct_conn_angle.ptnr1_auth_asym_id 
_pdbx_struct_conn_angle.ptnr1_auth_comp_id 
_pdbx_struct_conn_angle.ptnr1_auth_seq_id 
_pdbx_struct_conn_angle.ptnr1_PDB_ins_code 
_pdbx_struct_conn_angle.ptnr1_symmetry 
_pdbx_struct_conn_angle.ptnr2_label_atom_id 
_pdbx_struct_conn_angle.ptnr2_label_alt_id 
_pdbx_struct_conn_angle.ptnr2_label_asym_id 
_pdbx_struct_conn_angle.ptnr2_label_comp_id 
_pdbx_struct_conn_angle.ptnr2_label_seq_id 
_pdbx_struct_conn_angle.ptnr2_auth_atom_id 
_pdbx_struct_conn_angle.ptnr2_auth_asym_id 
_pdbx_struct_conn_angle.ptnr2_auth_comp_id 
_pdbx_struct_conn_angle.ptnr2_auth_seq_id 
_pdbx_struct_conn_angle.ptnr2_PDB_ins_code 
_pdbx_struct_conn_angle.ptnr2_symmetry 
_pdbx_struct_conn_angle.ptnr3_label_atom_id 
_pdbx_struct_conn_angle.ptnr3_label_alt_id 
_pdbx_struct_conn_angle.ptnr3_label_asym_id 
_pdbx_struct_conn_angle.ptnr3_label_comp_id 
_pdbx_struct_conn_angle.ptnr3_label_seq_id 
_pdbx_struct_conn_angle.ptnr3_auth_atom_id 
_pdbx_struct_conn_angle.ptnr3_auth_asym_id 
_pdbx_struct_conn_angle.ptnr3_auth_comp_id 
_pdbx_struct_conn_angle.ptnr3_auth_seq_id 
_pdbx_struct_conn_angle.ptnr3_PDB_ins_code 
_pdbx_struct_conn_angle.ptnr3_symmetry 
_pdbx_struct_conn_angle.value 
_pdbx_struct_conn_angle.value_esd 
1  "O2'" ? A C   13 ? A C   13  ? 1_555 MG ? D MG . ? A MG 103 ? 1_555 "O2'" ? A C   13 ? A C   13  ? 1_555 0.0   ? 
2  "O2'" ? A C   13 ? A C   13  ? 1_555 MG ? D MG . ? A MG 103 ? 1_555 O     ? E HOH .  ? A HOH 257 ? 1_555 130.4 ? 
3  "O2'" ? A C   13 ? A C   13  ? 1_555 MG ? D MG . ? A MG 103 ? 1_555 O     ? E HOH .  ? A HOH 257 ? 1_555 130.4 ? 
4  "O2'" ? A C   13 ? A C   13  ? 1_555 MG ? D MG . ? A MG 103 ? 1_555 O     ? E HOH .  ? A HOH 257 ? 2_665 130.4 ? 
5  "O2'" ? A C   13 ? A C   13  ? 1_555 MG ? D MG . ? A MG 103 ? 1_555 O     ? E HOH .  ? A HOH 257 ? 2_665 130.4 ? 
6  O     ? E HOH .  ? A HOH 257 ? 1_555 MG ? D MG . ? A MG 103 ? 1_555 O     ? E HOH .  ? A HOH 257 ? 2_665 0.0   ? 
7  O     ? E HOH .  ? A HOH 217 ? 1_555 MG ? B MG . ? A MG 101 ? 1_555 O     ? E HOH .  ? A HOH 219 ? 1_555 105.5 ? 
8  O     ? E HOH .  ? A HOH 217 ? 1_555 MG ? B MG . ? A MG 101 ? 1_555 O     ? E HOH .  ? A HOH 248 ? 1_555 90.6  ? 
9  O     ? E HOH .  ? A HOH 219 ? 1_555 MG ? B MG . ? A MG 101 ? 1_555 O     ? E HOH .  ? A HOH 248 ? 1_555 91.3  ? 
10 O     ? E HOH .  ? A HOH 217 ? 1_555 MG ? B MG . ? A MG 101 ? 1_555 O     ? E HOH .  ? A HOH 295 ? 1_555 82.7  ? 
11 O     ? E HOH .  ? A HOH 219 ? 1_555 MG ? B MG . ? A MG 101 ? 1_555 O     ? E HOH .  ? A HOH 295 ? 1_555 168.7 ? 
12 O     ? E HOH .  ? A HOH 248 ? 1_555 MG ? B MG . ? A MG 101 ? 1_555 O     ? E HOH .  ? A HOH 295 ? 1_555 96.4  ? 
13 O     ? E HOH .  ? A HOH 217 ? 1_555 MG ? B MG . ? A MG 101 ? 1_555 O     ? E HOH .  ? A HOH 299 ? 1_555 171.2 ? 
14 O     ? E HOH .  ? A HOH 219 ? 1_555 MG ? B MG . ? A MG 101 ? 1_555 O     ? E HOH .  ? A HOH 299 ? 1_555 83.2  ? 
15 O     ? E HOH .  ? A HOH 248 ? 1_555 MG ? B MG . ? A MG 101 ? 1_555 O     ? E HOH .  ? A HOH 299 ? 1_555 90.7  ? 
16 O     ? E HOH .  ? A HOH 295 ? 1_555 MG ? B MG . ? A MG 101 ? 1_555 O     ? E HOH .  ? A HOH 299 ? 1_555 88.5  ? 
17 O     ? E HOH .  ? A HOH 217 ? 1_555 MG ? B MG . ? A MG 101 ? 1_555 O     ? E HOH .  ? A HOH 300 ? 1_555 91.1  ? 
18 O     ? E HOH .  ? A HOH 219 ? 1_555 MG ? B MG . ? A MG 101 ? 1_555 O     ? E HOH .  ? A HOH 300 ? 1_555 82.4  ? 
19 O     ? E HOH .  ? A HOH 248 ? 1_555 MG ? B MG . ? A MG 101 ? 1_555 O     ? E HOH .  ? A HOH 300 ? 1_555 173.6 ? 
20 O     ? E HOH .  ? A HOH 295 ? 1_555 MG ? B MG . ? A MG 101 ? 1_555 O     ? E HOH .  ? A HOH 300 ? 1_555 89.9  ? 
21 O     ? E HOH .  ? A HOH 299 ? 1_555 MG ? B MG . ? A MG 101 ? 1_555 O     ? E HOH .  ? A HOH 300 ? 1_555 88.4  ? 
22 O     ? E HOH .  ? A HOH 211 ? 1_555 MG ? C MG . ? A MG 102 ? 1_555 O     ? E HOH .  ? A HOH 236 ? 1_555 95.6  ? 
23 O     ? E HOH .  ? A HOH 211 ? 1_555 MG ? C MG . ? A MG 102 ? 1_555 O     ? E HOH .  ? A HOH 280 ? 1_555 85.1  ? 
24 O     ? E HOH .  ? A HOH 236 ? 1_555 MG ? C MG . ? A MG 102 ? 1_555 O     ? E HOH .  ? A HOH 280 ? 1_555 96.2  ? 
25 O     ? E HOH .  ? A HOH 211 ? 1_555 MG ? C MG . ? A MG 102 ? 1_555 O     ? E HOH .  ? A HOH 286 ? 1_555 77.8  ? 
26 O     ? E HOH .  ? A HOH 236 ? 1_555 MG ? C MG . ? A MG 102 ? 1_555 O     ? E HOH .  ? A HOH 286 ? 1_555 168.9 ? 
27 O     ? E HOH .  ? A HOH 280 ? 1_555 MG ? C MG . ? A MG 102 ? 1_555 O     ? E HOH .  ? A HOH 286 ? 1_555 74.6  ? 
# 
_pdbx_entry_details.entry_id                   9MDY 
_pdbx_entry_details.nonpolymer_details         ? 
_pdbx_entry_details.sequence_details           ? 
_pdbx_entry_details.compound_details           ? 
_pdbx_entry_details.source_details             ? 
_pdbx_entry_details.has_ligand_of_interest     Y 
_pdbx_entry_details.has_protein_modification   N 
# 
_pdbx_validate_close_contact.id               1 
_pdbx_validate_close_contact.PDB_model_num    1 
_pdbx_validate_close_contact.auth_atom_id_1   O 
_pdbx_validate_close_contact.auth_asym_id_1   A 
_pdbx_validate_close_contact.auth_comp_id_1   HOH 
_pdbx_validate_close_contact.auth_seq_id_1    218 
_pdbx_validate_close_contact.PDB_ins_code_1   ? 
_pdbx_validate_close_contact.label_alt_id_1   ? 
_pdbx_validate_close_contact.auth_atom_id_2   O 
_pdbx_validate_close_contact.auth_asym_id_2   A 
_pdbx_validate_close_contact.auth_comp_id_2   HOH 
_pdbx_validate_close_contact.auth_seq_id_2    280 
_pdbx_validate_close_contact.PDB_ins_code_2   ? 
_pdbx_validate_close_contact.label_alt_id_2   ? 
_pdbx_validate_close_contact.dist             1.85 
# 
loop_
_pdbx_validate_rmsd_angle.id 
_pdbx_validate_rmsd_angle.PDB_model_num 
_pdbx_validate_rmsd_angle.auth_atom_id_1 
_pdbx_validate_rmsd_angle.auth_asym_id_1 
_pdbx_validate_rmsd_angle.auth_comp_id_1 
_pdbx_validate_rmsd_angle.auth_seq_id_1 
_pdbx_validate_rmsd_angle.PDB_ins_code_1 
_pdbx_validate_rmsd_angle.label_alt_id_1 
_pdbx_validate_rmsd_angle.auth_atom_id_2 
_pdbx_validate_rmsd_angle.auth_asym_id_2 
_pdbx_validate_rmsd_angle.auth_comp_id_2 
_pdbx_validate_rmsd_angle.auth_seq_id_2 
_pdbx_validate_rmsd_angle.PDB_ins_code_2 
_pdbx_validate_rmsd_angle.label_alt_id_2 
_pdbx_validate_rmsd_angle.auth_atom_id_3 
_pdbx_validate_rmsd_angle.auth_asym_id_3 
_pdbx_validate_rmsd_angle.auth_comp_id_3 
_pdbx_validate_rmsd_angle.auth_seq_id_3 
_pdbx_validate_rmsd_angle.PDB_ins_code_3 
_pdbx_validate_rmsd_angle.label_alt_id_3 
_pdbx_validate_rmsd_angle.angle_value 
_pdbx_validate_rmsd_angle.angle_target_value 
_pdbx_validate_rmsd_angle.angle_deviation 
_pdbx_validate_rmsd_angle.angle_standard_deviation 
_pdbx_validate_rmsd_angle.linker_flag 
1 1 "O5'" A A   3 ? ? P A A 3  ? ? OP2 A A 3  ? ? 100.28 105.70 -5.42  0.90 N 
2 1 "O5'" A G   7 ? ? P A G 7  ? ? OP2 A G 7  ? ? 86.82  105.70 -18.88 0.90 N 
3 1 "O3'" A SUR 9 ? ? P A C 10 ? ? OP2 A C 10 ? ? 118.34 110.50 7.84   1.10 Y 
# 
_pdbx_validate_planes.id              1 
_pdbx_validate_planes.PDB_model_num   1 
_pdbx_validate_planes.auth_comp_id    C 
_pdbx_validate_planes.auth_asym_id    A 
_pdbx_validate_planes.auth_seq_id     15 
_pdbx_validate_planes.PDB_ins_code    ? 
_pdbx_validate_planes.label_alt_id    ? 
_pdbx_validate_planes.rmsd            0.058 
_pdbx_validate_planes.type            'SIDE CHAIN' 
# 
loop_
_pdbx_struct_special_symmetry.id 
_pdbx_struct_special_symmetry.PDB_model_num 
_pdbx_struct_special_symmetry.auth_asym_id 
_pdbx_struct_special_symmetry.auth_comp_id 
_pdbx_struct_special_symmetry.auth_seq_id 
_pdbx_struct_special_symmetry.PDB_ins_code 
_pdbx_struct_special_symmetry.label_asym_id 
_pdbx_struct_special_symmetry.label_comp_id 
_pdbx_struct_special_symmetry.label_seq_id 
1 1 A MG  103 ? D MG  . 
2 1 A HOH 235 ? E HOH . 
3 1 A HOH 242 ? E HOH . 
4 1 A HOH 257 ? E HOH . 
5 1 A HOH 284 ? E HOH . 
6 1 A HOH 285 ? E HOH . 
7 1 A HOH 287 ? E HOH . 
# 
loop_
_chem_comp_atom.comp_id 
_chem_comp_atom.atom_id 
_chem_comp_atom.type_symbol 
_chem_comp_atom.pdbx_aromatic_flag 
_chem_comp_atom.pdbx_stereo_config 
_chem_comp_atom.pdbx_ordinal 
A   OP3    O  N N 1   
A   P      P  N N 2   
A   OP1    O  N N 3   
A   OP2    O  N N 4   
A   "O5'"  O  N N 5   
A   "C5'"  C  N N 6   
A   "C4'"  C  N R 7   
A   "O4'"  O  N N 8   
A   "C3'"  C  N S 9   
A   "O3'"  O  N N 10  
A   "C2'"  C  N R 11  
A   "O2'"  O  N N 12  
A   "C1'"  C  N R 13  
A   N9     N  Y N 14  
A   C8     C  Y N 15  
A   N7     N  Y N 16  
A   C5     C  Y N 17  
A   C6     C  Y N 18  
A   N6     N  N N 19  
A   N1     N  Y N 20  
A   C2     C  Y N 21  
A   N3     N  Y N 22  
A   C4     C  Y N 23  
A   HOP3   H  N N 24  
A   HOP2   H  N N 25  
A   "H5'"  H  N N 26  
A   "H5''" H  N N 27  
A   "H4'"  H  N N 28  
A   "H3'"  H  N N 29  
A   "HO3'" H  N N 30  
A   "H2'"  H  N N 31  
A   "HO2'" H  N N 32  
A   "H1'"  H  N N 33  
A   H8     H  N N 34  
A   H61    H  N N 35  
A   H62    H  N N 36  
A   H2     H  N N 37  
C   OP3    O  N N 38  
C   P      P  N N 39  
C   OP1    O  N N 40  
C   OP2    O  N N 41  
C   "O5'"  O  N N 42  
C   "C5'"  C  N N 43  
C   "C4'"  C  N R 44  
C   "O4'"  O  N N 45  
C   "C3'"  C  N S 46  
C   "O3'"  O  N N 47  
C   "C2'"  C  N R 48  
C   "O2'"  O  N N 49  
C   "C1'"  C  N R 50  
C   N1     N  N N 51  
C   C2     C  N N 52  
C   O2     O  N N 53  
C   N3     N  N N 54  
C   C4     C  N N 55  
C   N4     N  N N 56  
C   C5     C  N N 57  
C   C6     C  N N 58  
C   HOP3   H  N N 59  
C   HOP2   H  N N 60  
C   "H5'"  H  N N 61  
C   "H5''" H  N N 62  
C   "H4'"  H  N N 63  
C   "H3'"  H  N N 64  
C   "HO3'" H  N N 65  
C   "H2'"  H  N N 66  
C   "HO2'" H  N N 67  
C   "H1'"  H  N N 68  
C   H41    H  N N 69  
C   H42    H  N N 70  
C   H5     H  N N 71  
C   H6     H  N N 72  
G   OP3    O  N N 73  
G   P      P  N N 74  
G   OP1    O  N N 75  
G   OP2    O  N N 76  
G   "O5'"  O  N N 77  
G   "C5'"  C  N N 78  
G   "C4'"  C  N R 79  
G   "O4'"  O  N N 80  
G   "C3'"  C  N S 81  
G   "O3'"  O  N N 82  
G   "C2'"  C  N R 83  
G   "O2'"  O  N N 84  
G   "C1'"  C  N R 85  
G   N9     N  Y N 86  
G   C8     C  Y N 87  
G   N7     N  Y N 88  
G   C5     C  Y N 89  
G   C6     C  N N 90  
G   O6     O  N N 91  
G   N1     N  N N 92  
G   C2     C  N N 93  
G   N2     N  N N 94  
G   N3     N  N N 95  
G   C4     C  Y N 96  
G   HOP3   H  N N 97  
G   HOP2   H  N N 98  
G   "H5'"  H  N N 99  
G   "H5''" H  N N 100 
G   "H4'"  H  N N 101 
G   "H3'"  H  N N 102 
G   "HO3'" H  N N 103 
G   "H2'"  H  N N 104 
G   "HO2'" H  N N 105 
G   "H1'"  H  N N 106 
G   H8     H  N N 107 
G   H1     H  N N 108 
G   H21    H  N N 109 
G   H22    H  N N 110 
HOH O      O  N N 111 
HOH H1     H  N N 112 
HOH H2     H  N N 113 
MG  MG     MG N N 114 
SUR P      P  N N 115 
SUR OP1    O  N N 116 
SUR OP2    O  N N 117 
SUR OP3    O  N N 118 
SUR "O5'"  O  N N 119 
SUR "C5'"  C  N N 120 
SUR "C4'"  C  N R 121 
SUR "O4'"  O  N N 122 
SUR "C3'"  C  N S 123 
SUR "C1'"  C  N R 124 
SUR N1     N  N N 125 
SUR "C2'"  C  N R 126 
SUR C6     C  N N 127 
SUR C2     C  N N 128 
SUR C5     C  N N 129 
SUR S2     S  N N 130 
SUR N3     N  N N 131 
SUR C4     C  N N 132 
SUR O4     O  N N 133 
SUR "O2'"  O  N N 134 
SUR "O3'"  O  N N 135 
SUR HOP1   H  N N 136 
SUR HOP3   H  N N 137 
SUR "H5'1" H  N N 138 
SUR "H5'2" H  N N 139 
SUR "H4'"  H  N N 140 
SUR "H3'"  H  N N 141 
SUR "H1'"  H  N N 142 
SUR "H2'"  H  N N 143 
SUR HC6    H  N N 144 
SUR HC5    H  N N 145 
SUR HN3    H  N N 146 
SUR HO2    H  N N 147 
SUR HO3    H  N N 148 
U   OP3    O  N N 149 
U   P      P  N N 150 
U   OP1    O  N N 151 
U   OP2    O  N N 152 
U   "O5'"  O  N N 153 
U   "C5'"  C  N N 154 
U   "C4'"  C  N R 155 
U   "O4'"  O  N N 156 
U   "C3'"  C  N S 157 
U   "O3'"  O  N N 158 
U   "C2'"  C  N R 159 
U   "O2'"  O  N N 160 
U   "C1'"  C  N R 161 
U   N1     N  N N 162 
U   C2     C  N N 163 
U   O2     O  N N 164 
U   N3     N  N N 165 
U   C4     C  N N 166 
U   O4     O  N N 167 
U   C5     C  N N 168 
U   C6     C  N N 169 
U   HOP3   H  N N 170 
U   HOP2   H  N N 171 
U   "H5'"  H  N N 172 
U   "H5''" H  N N 173 
U   "H4'"  H  N N 174 
U   "H3'"  H  N N 175 
U   "HO3'" H  N N 176 
U   "H2'"  H  N N 177 
U   "HO2'" H  N N 178 
U   "H1'"  H  N N 179 
U   H3     H  N N 180 
U   H5     H  N N 181 
U   H6     H  N N 182 
# 
loop_
_chem_comp_bond.comp_id 
_chem_comp_bond.atom_id_1 
_chem_comp_bond.atom_id_2 
_chem_comp_bond.value_order 
_chem_comp_bond.pdbx_aromatic_flag 
_chem_comp_bond.pdbx_stereo_config 
_chem_comp_bond.pdbx_ordinal 
A   OP3   P      sing N N 1   
A   OP3   HOP3   sing N N 2   
A   P     OP1    doub N N 3   
A   P     OP2    sing N N 4   
A   P     "O5'"  sing N N 5   
A   OP2   HOP2   sing N N 6   
A   "O5'" "C5'"  sing N N 7   
A   "C5'" "C4'"  sing N N 8   
A   "C5'" "H5'"  sing N N 9   
A   "C5'" "H5''" sing N N 10  
A   "C4'" "O4'"  sing N N 11  
A   "C4'" "C3'"  sing N N 12  
A   "C4'" "H4'"  sing N N 13  
A   "O4'" "C1'"  sing N N 14  
A   "C3'" "O3'"  sing N N 15  
A   "C3'" "C2'"  sing N N 16  
A   "C3'" "H3'"  sing N N 17  
A   "O3'" "HO3'" sing N N 18  
A   "C2'" "O2'"  sing N N 19  
A   "C2'" "C1'"  sing N N 20  
A   "C2'" "H2'"  sing N N 21  
A   "O2'" "HO2'" sing N N 22  
A   "C1'" N9     sing N N 23  
A   "C1'" "H1'"  sing N N 24  
A   N9    C8     sing Y N 25  
A   N9    C4     sing Y N 26  
A   C8    N7     doub Y N 27  
A   C8    H8     sing N N 28  
A   N7    C5     sing Y N 29  
A   C5    C6     sing Y N 30  
A   C5    C4     doub Y N 31  
A   C6    N6     sing N N 32  
A   C6    N1     doub Y N 33  
A   N6    H61    sing N N 34  
A   N6    H62    sing N N 35  
A   N1    C2     sing Y N 36  
A   C2    N3     doub Y N 37  
A   C2    H2     sing N N 38  
A   N3    C4     sing Y N 39  
C   OP3   P      sing N N 40  
C   OP3   HOP3   sing N N 41  
C   P     OP1    doub N N 42  
C   P     OP2    sing N N 43  
C   P     "O5'"  sing N N 44  
C   OP2   HOP2   sing N N 45  
C   "O5'" "C5'"  sing N N 46  
C   "C5'" "C4'"  sing N N 47  
C   "C5'" "H5'"  sing N N 48  
C   "C5'" "H5''" sing N N 49  
C   "C4'" "O4'"  sing N N 50  
C   "C4'" "C3'"  sing N N 51  
C   "C4'" "H4'"  sing N N 52  
C   "O4'" "C1'"  sing N N 53  
C   "C3'" "O3'"  sing N N 54  
C   "C3'" "C2'"  sing N N 55  
C   "C3'" "H3'"  sing N N 56  
C   "O3'" "HO3'" sing N N 57  
C   "C2'" "O2'"  sing N N 58  
C   "C2'" "C1'"  sing N N 59  
C   "C2'" "H2'"  sing N N 60  
C   "O2'" "HO2'" sing N N 61  
C   "C1'" N1     sing N N 62  
C   "C1'" "H1'"  sing N N 63  
C   N1    C2     sing N N 64  
C   N1    C6     sing N N 65  
C   C2    O2     doub N N 66  
C   C2    N3     sing N N 67  
C   N3    C4     doub N N 68  
C   C4    N4     sing N N 69  
C   C4    C5     sing N N 70  
C   N4    H41    sing N N 71  
C   N4    H42    sing N N 72  
C   C5    C6     doub N N 73  
C   C5    H5     sing N N 74  
C   C6    H6     sing N N 75  
G   OP3   P      sing N N 76  
G   OP3   HOP3   sing N N 77  
G   P     OP1    doub N N 78  
G   P     OP2    sing N N 79  
G   P     "O5'"  sing N N 80  
G   OP2   HOP2   sing N N 81  
G   "O5'" "C5'"  sing N N 82  
G   "C5'" "C4'"  sing N N 83  
G   "C5'" "H5'"  sing N N 84  
G   "C5'" "H5''" sing N N 85  
G   "C4'" "O4'"  sing N N 86  
G   "C4'" "C3'"  sing N N 87  
G   "C4'" "H4'"  sing N N 88  
G   "O4'" "C1'"  sing N N 89  
G   "C3'" "O3'"  sing N N 90  
G   "C3'" "C2'"  sing N N 91  
G   "C3'" "H3'"  sing N N 92  
G   "O3'" "HO3'" sing N N 93  
G   "C2'" "O2'"  sing N N 94  
G   "C2'" "C1'"  sing N N 95  
G   "C2'" "H2'"  sing N N 96  
G   "O2'" "HO2'" sing N N 97  
G   "C1'" N9     sing N N 98  
G   "C1'" "H1'"  sing N N 99  
G   N9    C8     sing Y N 100 
G   N9    C4     sing Y N 101 
G   C8    N7     doub Y N 102 
G   C8    H8     sing N N 103 
G   N7    C5     sing Y N 104 
G   C5    C6     sing N N 105 
G   C5    C4     doub Y N 106 
G   C6    O6     doub N N 107 
G   C6    N1     sing N N 108 
G   N1    C2     sing N N 109 
G   N1    H1     sing N N 110 
G   C2    N2     sing N N 111 
G   C2    N3     doub N N 112 
G   N2    H21    sing N N 113 
G   N2    H22    sing N N 114 
G   N3    C4     sing N N 115 
HOH O     H1     sing N N 116 
HOH O     H2     sing N N 117 
SUR P     OP1    sing N N 118 
SUR P     OP2    doub N N 119 
SUR P     OP3    sing N N 120 
SUR P     "O5'"  sing N N 121 
SUR OP1   HOP1   sing N N 122 
SUR OP3   HOP3   sing N N 123 
SUR "O5'" "C5'"  sing N N 124 
SUR "C5'" "C4'"  sing N N 125 
SUR "C5'" "H5'1" sing N N 126 
SUR "C5'" "H5'2" sing N N 127 
SUR "C4'" "O4'"  sing N N 128 
SUR "C4'" "C3'"  sing N N 129 
SUR "C4'" "H4'"  sing N N 130 
SUR "O4'" "C1'"  sing N N 131 
SUR "C3'" "C2'"  sing N N 132 
SUR "C3'" "O3'"  sing N N 133 
SUR "C3'" "H3'"  sing N N 134 
SUR "C1'" N1     sing N N 135 
SUR "C1'" "C2'"  sing N N 136 
SUR "C1'" "H1'"  sing N N 137 
SUR N1    C6     sing N N 138 
SUR N1    C2     sing N N 139 
SUR "C2'" "O2'"  sing N N 140 
SUR "C2'" "H2'"  sing N N 141 
SUR C6    C5     doub N N 142 
SUR C6    HC6    sing N N 143 
SUR C2    S2     doub N N 144 
SUR C2    N3     sing N N 145 
SUR C5    C4     sing N N 146 
SUR C5    HC5    sing N N 147 
SUR N3    C4     sing N N 148 
SUR N3    HN3    sing N N 149 
SUR C4    O4     doub N N 150 
SUR "O2'" HO2    sing N N 151 
SUR "O3'" HO3    sing N N 152 
U   OP3   P      sing N N 153 
U   OP3   HOP3   sing N N 154 
U   P     OP1    doub N N 155 
U   P     OP2    sing N N 156 
U   P     "O5'"  sing N N 157 
U   OP2   HOP2   sing N N 158 
U   "O5'" "C5'"  sing N N 159 
U   "C5'" "C4'"  sing N N 160 
U   "C5'" "H5'"  sing N N 161 
U   "C5'" "H5''" sing N N 162 
U   "C4'" "O4'"  sing N N 163 
U   "C4'" "C3'"  sing N N 164 
U   "C4'" "H4'"  sing N N 165 
U   "O4'" "C1'"  sing N N 166 
U   "C3'" "O3'"  sing N N 167 
U   "C3'" "C2'"  sing N N 168 
U   "C3'" "H3'"  sing N N 169 
U   "O3'" "HO3'" sing N N 170 
U   "C2'" "O2'"  sing N N 171 
U   "C2'" "C1'"  sing N N 172 
U   "C2'" "H2'"  sing N N 173 
U   "O2'" "HO2'" sing N N 174 
U   "C1'" N1     sing N N 175 
U   "C1'" "H1'"  sing N N 176 
U   N1    C2     sing N N 177 
U   N1    C6     sing N N 178 
U   C2    O2     doub N N 179 
U   C2    N3     sing N N 180 
U   N3    C4     sing N N 181 
U   N3    H3     sing N N 182 
U   C4    O4     doub N N 183 
U   C4    C5     sing N N 184 
U   C5    C6     doub N N 185 
U   C5    H5     sing N N 186 
U   C6    H6     sing N N 187 
# 
loop_
_ndb_struct_conf_na.entry_id 
_ndb_struct_conf_na.feature 
9MDY 'a-form double helix'  
9MDY 'mismatched base pair' 
# 
loop_
_ndb_struct_na_base_pair.model_number 
_ndb_struct_na_base_pair.i_label_asym_id 
_ndb_struct_na_base_pair.i_label_comp_id 
_ndb_struct_na_base_pair.i_label_seq_id 
_ndb_struct_na_base_pair.i_symmetry 
_ndb_struct_na_base_pair.j_label_asym_id 
_ndb_struct_na_base_pair.j_label_comp_id 
_ndb_struct_na_base_pair.j_label_seq_id 
_ndb_struct_na_base_pair.j_symmetry 
_ndb_struct_na_base_pair.shear 
_ndb_struct_na_base_pair.stretch 
_ndb_struct_na_base_pair.stagger 
_ndb_struct_na_base_pair.buckle 
_ndb_struct_na_base_pair.propeller 
_ndb_struct_na_base_pair.opening 
_ndb_struct_na_base_pair.pair_number 
_ndb_struct_na_base_pair.pair_name 
_ndb_struct_na_base_pair.i_auth_asym_id 
_ndb_struct_na_base_pair.i_auth_seq_id 
_ndb_struct_na_base_pair.i_PDB_ins_code 
_ndb_struct_na_base_pair.j_auth_asym_id 
_ndb_struct_na_base_pair.j_auth_seq_id 
_ndb_struct_na_base_pair.j_PDB_ins_code 
_ndb_struct_na_base_pair.hbond_type_28 
_ndb_struct_na_base_pair.hbond_type_12 
1 A A   1  1_555 A U   16 4_555 -0.034 -0.102 0.095  1.375  -10.041 1.514  1  A_A1:U16_A  A 1  ? A 16 ? 20 1 
1 A G   2  1_555 A C   15 4_555 -0.306 -0.213 -0.121 -3.151 -15.693 -0.068 2  A_G2:C15_A  A 2  ? A 15 ? 19 1 
1 A A   3  1_555 A U   14 4_555 0.025  -0.107 0.038  -3.066 -12.897 2.810  3  A_A3:U14_A  A 3  ? A 14 ? 20 1 
1 A G   4  1_555 A C   13 4_555 -0.379 -0.197 -0.159 -1.298 -9.832  -1.642 4  A_G4:C13_A  A 4  ? A 13 ? 19 1 
1 A A   5  1_555 A U   12 4_555 0.027  -0.220 -0.109 -5.699 -8.441  2.820  5  A_A5:U12_A  A 5  ? A 12 ? 20 1 
1 A A   6  1_555 A U   11 4_555 0.083  -0.070 -0.151 -7.144 -13.280 2.515  6  A_A6:U11_A  A 6  ? A 11 ? 20 1 
1 A G   7  1_555 A C   10 4_555 -0.172 -0.146 0.025  -4.617 -10.714 -0.388 7  A_G7:C10_A  A 7  ? A 10 ? 19 1 
1 A A   8  1_555 A SUR 9  4_555 0.091  -0.098 -0.083 -1.612 -9.803  -4.323 8  A_A8:SUR9_A A 8  ? A 9  ? 20 1 
1 A SUR 9  1_555 A A   8  4_555 -0.091 -0.098 -0.083 1.612  -9.803  -4.323 9  A_SUR9:A8_A A 9  ? A 8  ? 20 1 
1 A C   10 1_555 A G   7  4_555 0.172  -0.146 0.025  4.617  -10.714 -0.388 10 A_C10:G7_A  A 10 ? A 7  ? 19 1 
1 A U   11 1_555 A A   6  4_555 -0.083 -0.070 -0.151 7.144  -13.280 2.515  11 A_U11:A6_A  A 11 ? A 6  ? 20 1 
1 A U   12 1_555 A A   5  4_555 -0.027 -0.220 -0.109 5.699  -8.441  2.820  12 A_U12:A5_A  A 12 ? A 5  ? 20 1 
1 A C   13 1_555 A G   4  4_555 0.379  -0.197 -0.159 1.298  -9.832  -1.642 13 A_C13:G4_A  A 13 ? A 4  ? 19 1 
1 A U   14 1_555 A A   3  4_555 -0.025 -0.107 0.038  3.066  -12.897 2.810  14 A_U14:A3_A  A 14 ? A 3  ? 20 1 
1 A C   15 1_555 A G   2  4_555 0.306  -0.213 -0.121 3.151  -15.693 -0.068 15 A_C15:G2_A  A 15 ? A 2  ? 19 1 
1 A U   16 1_555 A A   1  4_555 0.034  -0.102 0.095  -1.375 -10.041 1.514  16 A_U16:A1_A  A 16 ? A 1  ? 20 1 
# 
loop_
_ndb_struct_na_base_pair_step.model_number 
_ndb_struct_na_base_pair_step.i_label_asym_id_1 
_ndb_struct_na_base_pair_step.i_label_comp_id_1 
_ndb_struct_na_base_pair_step.i_label_seq_id_1 
_ndb_struct_na_base_pair_step.i_symmetry_1 
_ndb_struct_na_base_pair_step.j_label_asym_id_1 
_ndb_struct_na_base_pair_step.j_label_comp_id_1 
_ndb_struct_na_base_pair_step.j_label_seq_id_1 
_ndb_struct_na_base_pair_step.j_symmetry_1 
_ndb_struct_na_base_pair_step.i_label_asym_id_2 
_ndb_struct_na_base_pair_step.i_label_comp_id_2 
_ndb_struct_na_base_pair_step.i_label_seq_id_2 
_ndb_struct_na_base_pair_step.i_symmetry_2 
_ndb_struct_na_base_pair_step.j_label_asym_id_2 
_ndb_struct_na_base_pair_step.j_label_comp_id_2 
_ndb_struct_na_base_pair_step.j_label_seq_id_2 
_ndb_struct_na_base_pair_step.j_symmetry_2 
_ndb_struct_na_base_pair_step.shift 
_ndb_struct_na_base_pair_step.slide 
_ndb_struct_na_base_pair_step.rise 
_ndb_struct_na_base_pair_step.tilt 
_ndb_struct_na_base_pair_step.roll 
_ndb_struct_na_base_pair_step.twist 
_ndb_struct_na_base_pair_step.x_displacement 
_ndb_struct_na_base_pair_step.y_displacement 
_ndb_struct_na_base_pair_step.helical_rise 
_ndb_struct_na_base_pair_step.inclination 
_ndb_struct_na_base_pair_step.tip 
_ndb_struct_na_base_pair_step.helical_twist 
_ndb_struct_na_base_pair_step.step_number 
_ndb_struct_na_base_pair_step.step_name 
_ndb_struct_na_base_pair_step.i_auth_asym_id_1 
_ndb_struct_na_base_pair_step.i_auth_seq_id_1 
_ndb_struct_na_base_pair_step.i_PDB_ins_code_1 
_ndb_struct_na_base_pair_step.j_auth_asym_id_1 
_ndb_struct_na_base_pair_step.j_auth_seq_id_1 
_ndb_struct_na_base_pair_step.j_PDB_ins_code_1 
_ndb_struct_na_base_pair_step.i_auth_asym_id_2 
_ndb_struct_na_base_pair_step.i_auth_seq_id_2 
_ndb_struct_na_base_pair_step.i_PDB_ins_code_2 
_ndb_struct_na_base_pair_step.j_auth_asym_id_2 
_ndb_struct_na_base_pair_step.j_auth_seq_id_2 
_ndb_struct_na_base_pair_step.j_PDB_ins_code_2 
1 A A   1  1_555 A U   16 4_555 A G   2  1_555 A C   15 4_555 -0.637 -1.094 3.264 -1.061 7.147  33.567 -2.937 0.918  2.993 12.200 
1.811  34.314 1  AA_A1G2:C15U16_AA   A 1  ? A 16 ? A 2  ? A 15 ? 
1 A G   2  1_555 A C   15 4_555 A A   3  1_555 A U   14 4_555 0.624  -1.135 3.184 -0.372 4.654  34.397 -2.580 -1.100 3.002 7.825  
0.626  34.703 2  AA_G2A3:U14C15_AA   A 2  ? A 15 ? A 3  ? A 14 ? 
1 A A   3  1_555 A U   14 4_555 A G   4  1_555 A C   13 4_555 -0.353 -1.522 3.168 -0.712 11.431 30.487 -4.496 0.519  2.460 20.837 
1.297  32.519 3  AA_A3G4:C13U14_AA   A 3  ? A 14 ? A 4  ? A 13 ? 
1 A G   4  1_555 A C   13 4_555 A A   5  1_555 A U   12 4_555 0.517  -1.678 3.388 -0.575 12.449 30.670 -4.930 -1.000 2.525 22.409 
1.034  33.048 4  AA_G4A5:U12C13_AA   A 4  ? A 13 ? A 5  ? A 12 ? 
1 A A   5  1_555 A U   12 4_555 A A   6  1_555 A U   11 4_555 0.442  -1.641 3.294 3.205  12.848 31.456 -4.685 -0.284 2.485 22.492 
-5.610 34.065 5  AA_A5A6:U11U12_AA   A 5  ? A 12 ? A 6  ? A 11 ? 
1 A A   6  1_555 A U   11 4_555 A G   7  1_555 A C   10 4_555 0.115  -2.167 3.089 0.765  10.662 26.483 -6.395 -0.089 2.080 22.160 
-1.589 28.523 6  AA_A6G7:C10U11_AA   A 6  ? A 11 ? A 7  ? A 10 ? 
1 A G   7  1_555 A C   10 4_555 A A   8  1_555 A SUR 9  4_555 -0.887 -1.525 3.149 -0.771 5.708  33.657 -3.437 1.397  2.878 9.768  
1.320  34.132 7  AA_G7A8:SUR9C10_AA  A 7  ? A 10 ? A 8  ? A 9  ? 
1 A A   8  1_555 A SUR 9  4_555 A SUR 9  1_555 A A   8  4_555 0.000  -1.092 3.188 0.000  9.197  29.779 -3.662 0.000  2.737 17.381 
0.000  31.136 8  AA_A8SUR9:A8SUR9_AA A 8  ? A 9  ? A 9  ? A 8  ? 
1 A SUR 9  1_555 A A   8  4_555 A C   10 1_555 A G   7  4_555 0.887  -1.525 3.149 0.771  5.708  33.657 -3.437 -1.397 2.878 9.768  
-1.320 34.132 9  AA_SUR9C10:G7A8_AA  A 9  ? A 8  ? A 10 ? A 7  ? 
1 A C   10 1_555 A G   7  4_555 A U   11 1_555 A A   6  4_555 -0.115 -2.167 3.089 -0.765 10.662 26.483 -6.395 0.089  2.080 22.160 
1.589  28.523 10 AA_C10U11:A6G7_AA   A 10 ? A 7  ? A 11 ? A 6  ? 
1 A U   11 1_555 A A   6  4_555 A U   12 1_555 A A   5  4_555 -0.442 -1.641 3.294 -3.205 12.848 31.456 -4.685 0.284  2.485 22.492 
5.610  34.065 11 AA_U11U12:A5A6_AA   A 11 ? A 6  ? A 12 ? A 5  ? 
1 A U   12 1_555 A A   5  4_555 A C   13 1_555 A G   4  4_555 -0.517 -1.678 3.388 0.575  12.449 30.670 -4.930 1.000  2.525 22.409 
-1.034 33.048 12 AA_U12C13:G4A5_AA   A 12 ? A 5  ? A 13 ? A 4  ? 
1 A C   13 1_555 A G   4  4_555 A U   14 1_555 A A   3  4_555 0.353  -1.522 3.168 0.712  11.431 30.487 -4.496 -0.519 2.460 20.837 
-1.297 32.519 13 AA_C13U14:A3G4_AA   A 13 ? A 4  ? A 14 ? A 3  ? 
1 A U   14 1_555 A A   3  4_555 A C   15 1_555 A G   2  4_555 -0.624 -1.135 3.184 0.372  4.654  34.397 -2.580 1.100  3.002 7.825  
-0.626 34.703 14 AA_U14C15:G2A3_AA   A 14 ? A 3  ? A 15 ? A 2  ? 
1 A C   15 1_555 A G   2  4_555 A U   16 1_555 A A   1  4_555 0.637  -1.094 3.264 1.061  7.147  33.567 -2.937 -0.918 2.993 12.200 
-1.811 34.314 15 AA_C15U16:A1G2_AA   A 15 ? A 2  ? A 16 ? A 1  ? 
# 
loop_
_pdbx_audit_support.funding_organization 
_pdbx_audit_support.country 
_pdbx_audit_support.grant_number 
_pdbx_audit_support.ordinal 
'National Science Foundation (NSF, United States)' 'United States' 2104708 1 
'Howard Hughes Medical Institute (HHMI)'           'United States' ?       2 
# 
_pdbx_initial_refinement_model.id               1 
_pdbx_initial_refinement_model.entity_id_list   ? 
_pdbx_initial_refinement_model.type             'experimental model' 
_pdbx_initial_refinement_model.source_name      PDB 
_pdbx_initial_refinement_model.accession_code   3nd4 
_pdbx_initial_refinement_model.details          ? 
# 
_atom_sites.entry_id                    9MDY 
_atom_sites.Cartn_transf_matrix[1][1]   ? 
_atom_sites.Cartn_transf_matrix[1][2]   ? 
_atom_sites.Cartn_transf_matrix[1][3]   ? 
_atom_sites.Cartn_transf_matrix[2][1]   ? 
_atom_sites.Cartn_transf_matrix[2][2]   ? 
_atom_sites.Cartn_transf_matrix[2][3]   ? 
_atom_sites.Cartn_transf_matrix[3][1]   ? 
_atom_sites.Cartn_transf_matrix[3][2]   ? 
_atom_sites.Cartn_transf_matrix[3][3]   ? 
_atom_sites.Cartn_transf_vector[1]      ? 
_atom_sites.Cartn_transf_vector[2]      ? 
_atom_sites.Cartn_transf_vector[3]      ? 
_atom_sites.Cartn_transform_axes        ? 
_atom_sites.fract_transf_matrix[1][1]   -0.00493333 
_atom_sites.fract_transf_matrix[1][2]   0.02767186 
_atom_sites.fract_transf_matrix[1][3]   -0.00181105 
_atom_sites.fract_transf_matrix[2][1]   0.01776480 
_atom_sites.fract_transf_matrix[2][2]   0.01656902 
_atom_sites.fract_transf_matrix[2][3]   -0.01425691 
_atom_sites.fract_transf_matrix[3][1]   -0.00431577 
_atom_sites.fract_transf_matrix[3][2]   -0.00121368 
_atom_sites.fract_transf_matrix[3][3]   -0.00678817 
_atom_sites.fract_transf_vector[1]      0.415094 
_atom_sites.fract_transf_vector[2]      0.438357 
_atom_sites.fract_transf_vector[3]      -0.014868 
_atom_sites.solution_primary            ? 
_atom_sites.solution_secondary          ? 
_atom_sites.solution_hydrogens          ? 
_atom_sites.special_details             ? 
# 
loop_
_atom_type.symbol 
_atom_type.pdbx_scat_Z 
_atom_type.pdbx_N_electrons 
_atom_type.scat_Cromer_Mann_a1 
_atom_type.scat_Cromer_Mann_b1 
_atom_type.scat_Cromer_Mann_a2 
_atom_type.scat_Cromer_Mann_b2 
_atom_type.scat_Cromer_Mann_a3 
_atom_type.scat_Cromer_Mann_b3 
_atom_type.scat_Cromer_Mann_a4 
_atom_type.scat_Cromer_Mann_b4 
_atom_type.scat_Cromer_Mann_c 
C  6  6  2.3103  20.8439 1.0201 10.2075 1.5888 0.5687  0.8651 51.6512 0.2156   
H  1  1  0.4930  10.5109 0.3229 26.1257 0.1402 3.1424  0.0408 57.7997 0.0030   
MG 12 12 5.4265  2.8275  2.1759 79.2611 1.2283 0.3808  2.3099 7.1937  0.8594   
N  7  7  12.2220 0.0057  3.1346 9.8933  2.0141 28.9975 1.1672 0.5826  -11.5379 
O  8  8  3.0487  13.2771 2.2870 5.7011  1.5464 0.3239  0.8671 32.9089 0.2508   
P  15 15 6.4348  1.9067  4.1793 27.1570 1.7801 0.5260  1.4909 68.1645 1.1150   
S  16 16 6.9054  1.4679  5.2035 22.2151 1.4379 0.2536  1.5863 56.1720 0.8669   
# 
loop_
_atom_site.group_PDB 
_atom_site.id 
_atom_site.type_symbol 
_atom_site.label_atom_id 
_atom_site.label_alt_id 
_atom_site.label_comp_id 
_atom_site.label_asym_id 
_atom_site.label_entity_id 
_atom_site.label_seq_id 
_atom_site.pdbx_PDB_ins_code 
_atom_site.Cartn_x 
_atom_site.Cartn_y 
_atom_site.Cartn_z 
_atom_site.occupancy 
_atom_site.B_iso_or_equiv 
_atom_site.pdbx_formal_charge 
_atom_site.auth_seq_id 
_atom_site.auth_comp_id 
_atom_site.auth_asym_id 
_atom_site.auth_atom_id 
_atom_site.pdbx_PDB_model_num 
_atom_site.calc_flag 
ATOM   1   O  "O5'" . A   A 1 1  ? -7.079  -9.838  -14.674 1.000 21.114 0 1   A   A "O5'" 1 ? 
ATOM   2   C  "C5'" . A   A 1 1  ? -5.869  -10.427 -15.145 1.000 17.157 0 1   A   A "C5'" 1 ? 
ATOM   3   C  "C4'" . A   A 1 1  ? -5.309  -9.661  -16.320 1.000 14.752 0 1   A   A "C4'" 1 ? 
ATOM   4   O  "O4'" . A   A 1 1  ? -6.314  -9.442  -17.344 1.000 12.678 0 1   A   A "O4'" 1 ? 
ATOM   5   C  "C3'" . A   A 1 1  ? -4.824  -8.250  -16.022 1.000 13.392 0 1   A   A "C3'" 1 ? 
ATOM   6   O  "O3'" . A   A 1 1  ? -3.491  -8.298  -15.580 1.000 13.293 0 1   A   A "O3'" 1 ? 
ATOM   7   C  "C2'" . A   A 1 1  ? -4.824  -7.615  -17.404 1.000 12.178 0 1   A   A "C2'" 1 ? 
ATOM   8   O  "O2'" . A   A 1 1  ? -3.790  -8.039  -18.258 1.000 12.582 0 1   A   A "O2'" 1 ? 
ATOM   9   C  "C1'" . A   A 1 1  ? -6.160  -8.135  -17.886 1.000 10.521 0 1   A   A "C1'" 1 ? 
ATOM   10  N  N9    . A   A 1 1  ? -7.347  -7.369  -17.536 1.000 10.156 0 1   A   A N9    1 ? 
ATOM   11  C  C8    . A   A 1 1  ? -8.370  -7.731  -16.683 1.000 10.274 0 1   A   A C8    1 ? 
ATOM   12  N  N7    . A   A 1 1  ? -9.388  -6.910  -16.676 1.000 11.580 0 1   A   A N7    1 ? 
ATOM   13  C  C5    . A   A 1 1  ? -9.010  -5.940  -17.613 1.000 9.160  0 1   A   A C5    1 ? 
ATOM   14  C  C6    . A   A 1 1  ? -9.665  -4.812  -18.104 1.000 9.564  0 1   A   A C6    1 ? 
ATOM   15  N  N6    . A   A 1 1  ? -10.865 -4.441  -17.755 1.000 10.268 0 1   A   A N6    1 ? 
ATOM   16  N  N1    . A   A 1 1  ? -9.034  -4.071  -19.015 1.000 8.886  0 1   A   A N1    1 ? 
ATOM   17  C  C2    . A   A 1 1  ? -7.816  -4.407  -19.410 1.000 8.466  0 1   A   A C2    1 ? 
ATOM   18  N  N3    . A   A 1 1  ? -7.116  -5.471  -19.062 1.000 8.866  0 1   A   A N3    1 ? 
ATOM   19  C  C4    . A   A 1 1  ? -7.767  -6.203  -18.140 1.000 9.012  0 1   A   A C4    1 ? 
ATOM   20  P  P     . G   A 1 2  ? -2.922  -7.196  -14.550 1.000 12.999 0 2   G   A P     1 ? 
ATOM   21  O  OP1   . G   A 1 2  ? -1.596  -7.665  -14.063 1.000 15.580 0 2   G   A OP1   1 ? 
ATOM   22  O  OP2   . G   A 1 2  ? -4.010  -6.966  -13.599 1.000 14.692 0 2   G   A OP2   1 ? 
ATOM   23  O  "O5'" . G   A 1 2  ? -2.730  -5.896  -15.434 1.000 13.546 0 2   G   A "O5'" 1 ? 
ATOM   24  C  "C5'" . G   A 1 2  ? -1.696  -5.876  -16.384 1.000 14.028 0 2   G   A "C5'" 1 ? 
ATOM   25  C  "C4'" . G   A 1 2  ? -1.759  -4.578  -17.139 1.000 12.738 0 2   G   A "C4'" 1 ? 
ATOM   26  O  "O4'" . G   A 1 2  ? -2.983  -4.594  -17.911 1.000 11.742 0 2   G   A "O4'" 1 ? 
ATOM   27  C  "C3'" . G   A 1 2  ? -1.941  -3.336  -16.283 1.000 13.761 0 2   G   A "C3'" 1 ? 
ATOM   28  O  "O3'" . G   A 1 2  ? -0.689  -2.895  -15.847 1.000 14.279 0 2   G   A "O3'" 1 ? 
ATOM   29  C  "C2'" . G   A 1 2  ? -2.504  -2.376  -17.302 1.000 12.565 0 2   G   A "C2'" 1 ? 
ATOM   30  O  "O2'" . G   A 1 2  ? -1.588  -1.949  -18.265 1.000 14.079 0 2   G   A "O2'" 1 ? 
ATOM   31  C  "C1'" . G   A 1 2  ? -3.534  -3.280  -17.954 1.000 10.512 0 2   G   A "C1'" 1 ? 
ATOM   32  N  N9    . G   A 1 2  ? -4.807  -3.274  -17.281 1.000 9.532  0 2   G   A N9    1 ? 
ATOM   33  C  C8    . G   A 1 2  ? -5.293  -4.193  -16.383 1.000 9.507  0 2   G   A C8    1 ? 
ATOM   34  N  N7    . G   A 1 2  ? -6.510  -3.961  -15.977 1.000 9.306  0 2   G   A N7    1 ? 
ATOM   35  C  C5    . G   A 1 2  ? -6.866  -2.806  -16.668 1.000 8.220  0 2   G   A C5    1 ? 
ATOM   36  C  C6    . G   A 1 2  ? -8.050  -2.067  -16.627 1.000 8.100  0 2   G   A C6    1 ? 
ATOM   37  O  O6    . G   A 1 2  ? -9.068  -2.328  -16.024 1.000 8.941  0 2   G   A O6    1 ? 
ATOM   38  N  N1    . G   A 1 2  ? -7.982  -0.905  -17.402 1.000 7.705  0 2   G   A N1    1 ? 
ATOM   39  C  C2    . G   A 1 2  ? -6.891  -0.512  -18.134 1.000 7.733  0 2   G   A C2    1 ? 
ATOM   40  N  N2    . G   A 1 2  ? -6.979  0.654   -18.803 1.000 8.784  0 2   G   A N2    1 ? 
ATOM   41  N  N3    . G   A 1 2  ? -5.782  -1.232  -18.220 1.000 8.498  0 2   G   A N3    1 ? 
ATOM   42  C  C4    . G   A 1 2  ? -5.837  -2.367  -17.468 1.000 8.296  0 2   G   A C4    1 ? 
ATOM   43  P  P     . A   A 1 3  ? -0.584  -2.132  -14.446 1.000 15.520 0 3   A   A P     1 ? 
ATOM   44  O  OP1   . A   A 1 3  ? 0.863   -1.918  -14.143 1.000 16.496 0 3   A   A OP1   1 ? 
ATOM   45  O  OP2   . A   A 1 3  ? -1.433  -2.691  -13.408 1.000 15.696 0 3   A   A OP2   1 ? 
ATOM   46  O  "O5'" . A   A 1 3  ? -1.351  -0.743  -14.728 1.000 13.108 0 3   A   A "O5'" 1 ? 
ATOM   47  C  "C5'" . A   A 1 3  ? -0.774  0.175   -15.664 1.000 12.579 0 3   A   A "C5'" 1 ? 
ATOM   48  C  "C4'" . A   A 1 3  ? -1.774  1.272   -15.916 1.000 11.871 0 3   A   A "C4'" 1 ? 
ATOM   49  O  "O4'" . A   A 1 3  ? -2.983  0.716   -16.474 1.000 11.090 0 3   A   A "O4'" 1 ? 
ATOM   50  C  "C3'" . A   A 1 3  ? -2.310  1.980   -14.693 1.000 11.760 0 3   A   A "C3'" 1 ? 
ATOM   51  O  "O3'" . A   A 1 3  ? -1.343  2.910   -14.259 1.000 12.140 0 3   A   A "O3'" 1 ? 
ATOM   52  C  "C2'" . A   A 1 3  ? -3.524  2.657   -15.297 1.000 10.739 0 3   A   A "C2'" 1 ? 
ATOM   53  O  "O2'" . A   A 1 3  ? -3.163  3.729   -16.128 1.000 11.543 0 3   A   A "O2'" 1 ? 
ATOM   54  C  "C1'" . A   A 1 3  ? -4.096  1.482   -16.080 1.000 9.818  0 3   A   A "C1'" 1 ? 
ATOM   55  N  N9    . A   A 1 3  ? -4.983  0.642   -15.318 1.000 9.470  0 3   A   A N9    1 ? 
ATOM   56  C  C8    . A   A 1 3  ? -4.698  -0.536  -14.687 1.000 9.778  0 3   A   A C8    1 ? 
ATOM   57  N  N7    . A   A 1 3  ? -5.709  -1.058  -14.068 1.000 9.267  0 3   A   A N7    1 ? 
ATOM   58  C  C5    . A   A 1 3  ? -6.744  -0.144  -14.276 1.000 8.603  0 3   A   A C5    1 ? 
ATOM   59  C  C6    . A   A 1 3  ? -8.099  -0.115  -13.862 1.000 8.652  0 3   A   A C6    1 ? 
ATOM   60  N  N6    . A   A 1 3  ? -8.699  -1.085  -13.180 1.000 9.335  0 3   A   A N6    1 ? 
ATOM   61  N  N1    . A   A 1 3  ? -8.839  0.944   -14.268 1.000 8.634  0 3   A   A N1    1 ? 
ATOM   62  C  C2    . A   A 1 3  ? -8.292  1.913   -14.985 1.000 9.008  0 3   A   A C2    1 ? 
ATOM   63  N  N3    . A   A 1 3  ? -7.048  1.962   -15.470 1.000 8.092  0 3   A   A N3    1 ? 
ATOM   64  C  C4    . A   A 1 3  ? -6.309  0.920   -15.040 1.000 8.764  0 3   A   A C4    1 ? 
ATOM   65  P  P     . G   A 1 4  ? -1.295  3.310   -12.727 1.000 13.713 0 4   G   A P     1 ? 
ATOM   66  O  OP1   . G   A 1 4  ? -0.029  4.078   -12.492 1.000 18.499 0 4   G   A OP1   1 ? 
ATOM   67  O  OP2   . G   A 1 4  ? -1.529  2.123   -11.885 1.000 16.135 0 4   G   A OP2   1 ? 
ATOM   68  O  "O5'" . G   A 1 4  ? -2.565  4.261   -12.578 1.000 12.672 0 4   G   A "O5'" 1 ? 
ATOM   69  C  "C5'" . G   A 1 4  ? -2.606  5.542   -13.230 1.000 12.286 0 4   G   A "C5'" 1 ? 
ATOM   70  C  "C4'" . G   A 1 4  ? -3.950  6.192   -13.003 1.000 11.939 0 4   G   A "C4'" 1 ? 
ATOM   71  O  "O4'" . G   A 1 4  ? -4.975  5.415   -13.657 1.000 11.652 0 4   G   A "O4'" 1 ? 
ATOM   72  C  "C3'" . G   A 1 4  ? -4.465  6.236   -11.566 1.000 13.320 0 4   G   A "C3'" 1 ? 
ATOM   73  O  "O3'" . G   A 1 4  ? -3.784  7.216   -10.813 1.000 17.306 0 4   G   A "O3'" 1 ? 
ATOM   74  C  "C2'" . G   A 1 4  ? -5.937  6.545   -11.822 1.000 12.619 0 4   G   A "C2'" 1 ? 
ATOM   75  O  "O2'" . G   A 1 4  ? -6.181  7.836   -12.308 1.000 14.384 0 4   G   A "O2'" 1 ? 
ATOM   76  C  "C1'" . G   A 1 4  ? -6.192  5.572   -12.954 1.000 11.707 0 4   G   A "C1'" 1 ? 
ATOM   77  N  N9    . G   A 1 4  ? -6.565  4.268   -12.454 1.000 10.769 0 4   G   A N9    1 ? 
ATOM   78  C  C8    . G   A 1 4  ? -5.741  3.196   -12.251 1.000 10.433 0 4   G   A C8    1 ? 
ATOM   79  N  N7    . G   A 1 4  ? -6.353  2.143   -11.790 1.000 12.146 0 4   G   A N7    1 ? 
ATOM   80  C  C5    . G   A 1 4  ? -7.669  2.573   -11.585 1.000 10.115 0 4   G   A C5    1 ? 
ATOM   81  C  C6    . G   A 1 4  ? -8.799  1.869   -11.084 1.000 10.189 0 4   G   A C6    1 ? 
ATOM   82  O  O6    . G   A 1 4  ? -8.833  0.707   -10.672 1.000 11.631 0 4   G   A O6    1 ? 
ATOM   83  N  N1    . G   A 1 4  ? -9.919  2.705   -11.026 1.000 10.169 0 4   G   A N1    1 ? 
ATOM   84  C  C2    . G   A 1 4  ? -9.964  4.017   -11.445 1.000 11.739 0 4   G   A C2    1 ? 
ATOM   85  N  N2    . G   A 1 4  ? -11.095 4.710   -11.297 1.000 11.427 0 4   G   A N2    1 ? 
ATOM   86  N  N3    . G   A 1 4  ? -8.901  4.664   -11.934 1.000 10.984 0 4   G   A N3    1 ? 
ATOM   87  C  C4    . G   A 1 4  ? -7.809  3.886   -11.961 1.000 10.168 0 4   G   A C4    1 ? 
ATOM   88  P  P     . A   A 1 5  ? -3.557  6.959   -9.248  1.000 17.437 0 5   A   A P     1 ? 
ATOM   89  O  OP1   . A   A 1 5  ? -2.794  8.170   -8.842  1.000 20.625 0 5   A   A OP1   1 ? 
ATOM   90  O  OP2   . A   A 1 5  ? -3.035  5.606   -8.948  1.000 18.299 0 5   A   A OP2   1 ? 
ATOM   91  O  "O5'" . A   A 1 5  ? -5.038  7.038   -8.661  1.000 16.030 0 5   A   A "O5'" 1 ? 
ATOM   92  C  "C5'" . A   A 1 5  ? -5.817  8.269   -8.826  1.000 15.701 0 5   A   A "C5'" 1 ? 
ATOM   93  C  "C4'" . A   A 1 5  ? -7.181  8.071   -8.208  1.000 16.317 0 5   A   A "C4'" 1 ? 
ATOM   94  O  "O4'" . A   A 1 5  ? -7.948  7.130   -8.985  1.000 16.750 0 5   A   A "O4'" 1 ? 
ATOM   95  C  "C3'" . A   A 1 5  ? -7.223  7.432   -6.822  1.000 17.604 0 5   A   A "C3'" 1 ? 
ATOM   96  O  "O3'" . A   A 1 5  ? -6.884  8.387   -5.837  1.000 18.367 0 5   A   A "O3'" 1 ? 
ATOM   97  C  "C2'" . A   A 1 5  ? -8.672  6.964   -6.760  1.000 15.785 0 5   A   A "C2'" 1 ? 
ATOM   98  O  "O2'" . A   A 1 5  ? -9.587  8.013   -6.516  1.000 18.428 0 5   A   A "O2'" 1 ? 
ATOM   99  C  "C1'" . A   A 1 5  ? -8.795  6.365   -8.158  1.000 15.769 0 5   A   A "C1'" 1 ? 
ATOM   100 N  N9    . A   A 1 5  ? -8.412  4.955   -8.178  1.000 15.009 0 5   A   A N9    1 ? 
ATOM   101 C  C8    . A   A 1 5  ? -7.212  4.382   -8.527  1.000 14.102 0 5   A   A C8    1 ? 
ATOM   102 N  N7    . A   A 1 5  ? -7.186  3.089   -8.364  1.000 14.350 0 5   A   A N7    1 ? 
ATOM   103 C  C5    . A   A 1 5  ? -8.446  2.787   -7.874  1.000 12.819 0 5   A   A C5    1 ? 
ATOM   104 C  C6    . A   A 1 5  ? -9.032  1.587   -7.471  1.000 13.840 0 5   A   A C6    1 ? 
ATOM   105 N  N6    . A   A 1 5  ? -8.421  0.430   -7.570  1.000 14.566 0 5   A   A N6    1 ? 
ATOM   106 N  N1    . A   A 1 5  ? -10.291 1.631   -6.969  1.000 13.121 0 5   A   A N1    1 ? 
ATOM   107 C  C2    . A   A 1 5  ? -10.893 2.818   -6.885  1.000 14.870 0 5   A   A C2    1 ? 
ATOM   108 N  N3    . A   A 1 5  ? -10.432 4.005   -7.224  1.000 14.759 0 5   A   A N3    1 ? 
ATOM   109 C  C4    . A   A 1 5  ? -9.187  3.934   -7.717  1.000 13.981 0 5   A   A C4    1 ? 
ATOM   110 P  P     . A   A 1 6  ? -6.104  7.907   -4.528  1.000 20.344 0 6   A   A P     1 ? 
ATOM   111 O  OP1   . A   A 1 6  ? -5.657  9.206   -3.929  1.000 24.001 0 6   A   A OP1   1 ? 
ATOM   112 O  OP2   . A   A 1 6  ? -5.071  6.875   -4.755  1.000 20.142 0 6   A   A OP2   1 ? 
ATOM   113 O  "O5'" . A   A 1 6  ? -7.164  7.143   -3.614  1.000 18.271 0 6   A   A "O5'" 1 ? 
ATOM   114 C  "C5'" . A   A 1 6  ? -8.340  7.874   -3.188  1.000 18.053 0 6   A   A "C5'" 1 ? 
ATOM   115 C  "C4'" . A   A 1 6  ? -9.324  6.889   -2.607  1.000 16.960 0 6   A   A "C4'" 1 ? 
ATOM   116 O  "O4'" . A   A 1 6  ? -9.774  6.007   -3.665  1.000 15.999 0 6   A   A "O4'" 1 ? 
ATOM   117 C  "C3'" . A   A 1 6  ? -8.829  5.905   -1.561  1.000 18.108 0 6   A   A "C3'" 1 ? 
ATOM   118 O  "O3'" . A   A 1 6  ? -8.768  6.588   -0.338  1.000 19.355 0 6   A   A "O3'" 1 ? 
ATOM   119 C  "C2'" . A   A 1 6  ? -9.963  4.882   -1.586  1.000 15.913 0 6   A   A "C2'" 1 ? 
ATOM   120 O  "O2'" . A   A 1 6  ? -11.140 5.384   -1.023  1.000 17.282 0 6   A   A "O2'" 1 ? 
ATOM   121 C  "C1'" . A   A 1 6  ? -10.108 4.749   -3.108  1.000 16.048 0 6   A   A "C1'" 1 ? 
ATOM   122 N  N9    . A   A 1 6  ? -9.218  3.722   -3.644  1.000 16.016 0 6   A   A N9    1 ? 
ATOM   123 C  C8    . A   A 1 6  ? -7.993  3.864   -4.241  1.000 15.832 0 6   A   A C8    1 ? 
ATOM   124 N  N7    . A   A 1 6  ? -7.413  2.728   -4.567  1.000 16.711 0 6   A   A N7    1 ? 
ATOM   125 C  C5    . A   A 1 6  ? -8.326  1.778   -4.142  1.000 14.885 0 6   A   A C5    1 ? 
ATOM   126 C  C6    . A   A 1 6  ? -8.336  0.361   -4.205  1.000 16.277 0 6   A   A C6    1 ? 
ATOM   127 N  N6    . A   A 1 6  ? -7.361  -0.367  -4.713  1.000 18.550 0 6   A   A N6    1 ? 
ATOM   128 N  N1    . A   A 1 6  ? -9.395  -0.288  -3.670  1.000 14.908 0 6   A   A N1    1 ? 
ATOM   129 C  C2    . A   A 1 6  ? -10.406 0.410   -3.177  1.000 16.794 0 6   A   A C2    1 ? 
ATOM   130 N  N3    . A   A 1 6  ? -10.502 1.733   -3.042  1.000 16.481 0 6   A   A N3    1 ? 
ATOM   131 C  C4    . A   A 1 6  ? -9.432  2.362   -3.563  1.000 16.465 0 6   A   A C4    1 ? 
ATOM   132 P  P     . G   A 1 7  ? -7.817  6.065   0.830   1.000 22.712 0 7   G   A P     1 ? 
ATOM   133 O  OP1   . G   A 1 7  ? -7.843  6.960   2.022   1.000 28.911 0 7   G   A OP1   1 ? 
ATOM   134 O  OP2   . G   A 1 7  ? -6.557  5.471   0.387   1.000 22.332 0 7   G   A OP2   1 ? 
ATOM   135 O  "O5'" . G   A 1 7  ? -8.282  4.569   1.217   1.000 21.890 0 7   G   A "O5'" 1 ? 
ATOM   136 C  "C5'" . G   A 1 7  ? -9.309  4.389   2.147   1.000 19.370 0 7   G   A "C5'" 1 ? 
ATOM   137 C  "C4'" . G   A 1 7  ? -9.717  2.935   2.177   1.000 15.653 0 7   G   A "C4'" 1 ? 
ATOM   138 O  "O4'" . G   A 1 7  ? -9.920  2.401   0.845   1.000 14.226 0 7   G   A "O4'" 1 ? 
ATOM   139 C  "C3'" . G   A 1 7  ? -8.834  1.874   2.819   1.000 14.570 0 7   G   A "C3'" 1 ? 
ATOM   140 O  "O3'" . G   A 1 7  ? -8.880  2.022   4.209   1.000 14.449 0 7   G   A "O3'" 1 ? 
ATOM   141 C  "C2'" . G   A 1 7  ? -9.652  0.652   2.422   1.000 12.751 0 7   G   A "C2'" 1 ? 
ATOM   142 O  "O2'" . G   A 1 7  ? -10.881 0.607   3.112   1.000 14.145 0 7   G   A "O2'" 1 ? 
ATOM   143 C  "C1'" . G   A 1 7  ? -9.819  0.987   0.942   1.000 13.188 0 7   G   A "C1'" 1 ? 
ATOM   144 N  N9    . G   A 1 7  ? -8.727  0.511   0.102   1.000 12.440 0 7   G   A N9    1 ? 
ATOM   145 C  C8    . G   A 1 7  ? -7.774  1.251   -0.555  1.000 11.158 0 7   G   A C8    1 ? 
ATOM   146 N  N7    . G   A 1 7  ? -6.931  0.521   -1.245  1.000 11.885 0 7   G   A N7    1 ? 
ATOM   147 C  C5    . G   A 1 7  ? -7.399  -0.777  -1.062  1.000 11.580 0 7   G   A C5    1 ? 
ATOM   148 C  C6    . G   A 1 7  ? -6.947  -1.999  -1.608  1.000 11.722 0 7   G   A C6    1 ? 
ATOM   149 O  O6    . G   A 1 7  ? -5.985  -2.187  -2.358  1.000 13.816 0 7   G   A O6    1 ? 
ATOM   150 N  N1    . G   A 1 7  ? -7.722  -3.074  -1.185  1.000 11.314 0 7   G   A N1    1 ? 
ATOM   151 C  C2    . G   A 1 7  ? -8.787  -3.023  -0.335  1.000 11.419 0 7   G   A C2    1 ? 
ATOM   152 N  N2    . G   A 1 7  ? -9.399  -4.174  0.007   1.000 12.496 0 7   G   A N2    1 ? 
ATOM   153 N  N3    . G   A 1 7  ? -9.222  -1.873  0.163   1.000 11.635 0 7   G   A N3    1 ? 
ATOM   154 C  C4    . G   A 1 7  ? -8.503  -0.806  -0.255  1.000 12.175 0 7   G   A C4    1 ? 
ATOM   155 P  P     . A   A 1 8  ? -7.771  1.383   5.183   1.000 15.267 0 8   A   A P     1 ? 
ATOM   156 O  OP1   . A   A 1 8  ? -7.955  2.012   6.524   1.000 17.743 0 8   A   A OP1   1 ? 
ATOM   157 O  OP2   . A   A 1 8  ? -6.439  1.451   4.554   1.000 17.757 0 8   A   A OP2   1 ? 
ATOM   158 O  "O5'" . A   A 1 8  ? -8.121  -0.169  5.222   1.000 16.319 0 8   A   A "O5'" 1 ? 
ATOM   159 C  "C5'" . A   A 1 8  ? -9.324  -0.596  5.848   1.000 16.758 0 8   A   A "C5'" 1 ? 
ATOM   160 C  "C4'" . A   A 1 8  ? -9.420  -2.095  5.706   1.000 14.651 0 8   A   A "C4'" 1 ? 
ATOM   161 O  "O4'" . A   A 1 8  ? -9.531  -2.484  4.308   1.000 14.016 0 8   A   A "O4'" 1 ? 
ATOM   162 C  "C3'" . A   A 1 8  ? -8.191  -2.866  6.192   1.000 15.563 0 8   A   A "C3'" 1 ? 
ATOM   163 O  "O3'" . A   A 1 8  ? -8.275  -2.988  7.598   1.000 16.111 0 8   A   A "O3'" 1 ? 
ATOM   164 C  "C2'" . A   A 1 8  ? -8.414  -4.200  5.501   1.000 15.238 0 8   A   A "C2'" 1 ? 
ATOM   165 O  "O2'" . A   A 1 8  ? -9.471  -4.964  6.044   1.000 18.055 0 8   A   A "O2'" 1 ? 
ATOM   166 C  "C1'" . A   A 1 8  ? -8.811  -3.695  4.123   1.000 14.444 0 8   A   A "C1'" 1 ? 
ATOM   167 N  N9    . A   A 1 8  ? -7.687  -3.404  3.239   1.000 12.298 0 8   A   A N9    1 ? 
ATOM   168 C  C8    . A   A 1 8  ? -7.156  -2.175  2.930   1.000 12.439 0 8   A   A C8    1 ? 
ATOM   169 N  N7    . A   A 1 8  ? -6.195  -2.210  2.034   1.000 13.526 0 8   A   A N7    1 ? 
ATOM   170 C  C5    . A   A 1 8  ? -6.110  -3.547  1.724   1.000 12.139 0 8   A   A C5    1 ? 
ATOM   171 C  C6    . A   A 1 8  ? -5.294  -4.232  0.814   1.000 11.178 0 8   A   A C6    1 ? 
ATOM   172 N  N6    . A   A 1 8  ? -4.388  -3.662  0.042   1.000 11.625 0 8   A   A N6    1 ? 
ATOM   173 N  N1    . A   A 1 8  ? -5.442  -5.577  0.759   1.000 12.987 0 8   A   A N1    1 ? 
ATOM   174 C  C2    . A   A 1 8  ? -6.354  -6.173  1.538   1.000 13.515 0 8   A   A C2    1 ? 
ATOM   175 N  N3    . A   A 1 8  ? -7.175  -5.626  2.424   1.000 13.233 0 8   A   A N3    1 ? 
ATOM   176 C  C4    . A   A 1 8  ? -7.008  -4.298  2.457   1.000 12.691 0 8   A   A C4    1 ? 
HETATM 177 P  P     . SUR A 1 9  ? -6.930  -2.957  8.480   1.000 18.309 0 9   SUR A P     1 ? 
HETATM 178 O  OP1   . SUR A 1 9  ? -7.552  -2.978  9.797   1.000 20.432 0 9   SUR A OP1   1 ? 
HETATM 179 O  OP2   . SUR A 1 9  ? -5.974  -2.035  8.020   1.000 17.781 0 9   SUR A OP2   1 ? 
HETATM 180 O  "O5'" . SUR A 1 9  ? -6.327  -4.370  8.191   1.000 18.184 0 9   SUR A "O5'" 1 ? 
HETATM 181 C  "C5'" . SUR A 1 9  ? -6.917  -5.537  8.749   1.000 18.859 0 9   SUR A "C5'" 1 ? 
HETATM 182 C  "C4'" . SUR A 1 9  ? -6.301  -6.773  8.103   1.000 17.227 0 9   SUR A "C4'" 1 ? 
HETATM 183 O  "O4'" . SUR A 1 9  ? -6.501  -6.694  6.678   1.000 17.337 0 9   SUR A "O4'" 1 ? 
HETATM 184 C  "C3'" . SUR A 1 9  ? -4.800  -6.832  8.192   1.000 17.927 0 9   SUR A "C3'" 1 ? 
HETATM 185 C  "C1'" . SUR A 1 9  ? -5.358  -7.273  5.995   1.000 15.843 0 9   SUR A "C1'" 1 ? 
HETATM 186 N  N1    . SUR A 1 9  ? -4.685  -6.255  5.164   1.000 14.132 0 9   SUR A N1    1 ? 
HETATM 187 C  "C2'" . SUR A 1 9  ? -4.523  -7.782  7.104   1.000 16.936 0 9   SUR A "C2'" 1 ? 
HETATM 188 C  C6    . SUR A 1 9  ? -4.835  -4.884  5.391   1.000 13.444 0 9   SUR A C6    1 ? 
HETATM 189 C  C2    . SUR A 1 9  ? -3.878  -6.663  4.163   1.000 13.679 0 9   SUR A C2    1 ? 
HETATM 190 C  C5    . SUR A 1 9  ? -4.244  -3.924  4.608   1.000 12.825 0 9   SUR A C5    1 ? 
HETATM 191 S  S2    . SUR A 1 9  ? -3.550  -8.304  3.820   1.000 16.477 0 9   SUR A S2    1 ? 
HETATM 192 N  N3    . SUR A 1 9  ? -3.252  -5.710  3.410   1.000 12.696 0 9   SUR A N3    1 ? 
HETATM 193 C  C4    . SUR A 1 9  ? -3.409  -4.364  3.569   1.000 12.629 0 9   SUR A C4    1 ? 
HETATM 194 O  O4    . SUR A 1 9  ? -2.844  -3.603  2.791   1.000 14.887 0 9   SUR A O4    1 ? 
HETATM 195 O  "O2'" . SUR A 1 9  ? -4.926  -9.128  7.367   1.000 19.733 0 9   SUR A "O2'" 1 ? 
HETATM 196 O  "O3'" . SUR A 1 9  ? -4.406  -7.316  9.490   1.000 19.495 0 9   SUR A "O3'" 1 ? 
ATOM   197 P  P     . C   A 1 10 ? -3.063  -6.733  10.113  1.000 22.542 0 10  C   A P     1 ? 
ATOM   198 O  OP1   . C   A 1 10 ? -2.927  -7.257  11.557  1.000 27.994 0 10  C   A OP1   1 ? 
ATOM   199 O  OP2   . C   A 1 10 ? -2.786  -5.238  9.967   1.000 23.500 0 10  C   A OP2   1 ? 
ATOM   200 O  "O5'" . C   A 1 10 ? -1.856  -7.402  9.277   1.000 20.121 0 10  C   A "O5'" 1 ? 
ATOM   201 C  "C5'" . C   A 1 10 ? -1.770  -8.848  9.212   1.000 19.736 0 10  C   A "C5'" 1 ? 
ATOM   202 C  "C4'" . C   A 1 10 ? -0.867  -9.277  8.072   1.000 18.615 0 10  C   A "C4'" 1 ? 
ATOM   203 O  "O4'" . C   A 1 10 ? -1.421  -8.829  6.814   1.000 18.229 0 10  C   A "O4'" 1 ? 
ATOM   204 C  "C3'" . C   A 1 10 ? 0.558   -8.711  8.060   1.000 18.418 0 10  C   A "C3'" 1 ? 
ATOM   205 O  "O3'" . C   A 1 10 ? 1.386   -9.338  9.032   1.000 20.829 0 10  C   A "O3'" 1 ? 
ATOM   206 C  "C2'" . C   A 1 10 ? 0.922   -9.038  6.618   1.000 17.224 0 10  C   A "C2'" 1 ? 
ATOM   207 O  "O2'" . C   A 1 10 ? 1.164   -10.395 6.366   1.000 19.483 0 10  C   A "O2'" 1 ? 
ATOM   208 C  "C1'" . C   A 1 10 ? -0.367  -8.618  5.907   1.000 16.084 0 10  C   A "C1'" 1 ? 
ATOM   209 N  N1    . C   A 1 10 ? -0.349  -7.186  5.541   1.000 14.047 0 10  C   A N1    1 ? 
ATOM   210 C  C2    . C   A 1 10 ? 0.399   -6.838  4.406   1.000 13.268 0 10  C   A C2    1 ? 
ATOM   211 O  O2    . C   A 1 10 ? 1.020   -7.736  3.816   1.000 14.896 0 10  C   A O2    1 ? 
ATOM   212 N  N3    . C   A 1 10 ? 0.457   -5.534  4.054   1.000 12.416 0 10  C   A N3    1 ? 
ATOM   213 C  C4    . C   A 1 10 ? -0.183  -4.614  4.770   1.000 12.850 0 10  C   A C4    1 ? 
ATOM   214 N  N4    . C   A 1 10 ? -0.132  -3.364  4.366   1.000 12.753 0 10  C   A N4    1 ? 
ATOM   215 C  C5    . C   A 1 10 ? -0.927  -4.953  5.936   1.000 12.848 0 10  C   A C5    1 ? 
ATOM   216 C  C6    . C   A 1 10 ? -0.953  -6.238  6.299   1.000 13.966 0 10  C   A C6    1 ? 
ATOM   217 P  P     . U   A 1 11 ? 2.623   -8.553  9.678   1.000 21.225 0 11  U   A P     1 ? 
ATOM   218 O  OP1   . U   A 1 11 ? 3.167   -9.397  10.786  1.000 25.458 0 11  U   A OP1   1 ? 
ATOM   219 O  OP2   . U   A 1 11 ? 2.321   -7.127  9.964   1.000 22.555 0 11  U   A OP2   1 ? 
ATOM   220 O  "O5'" . U   A 1 11 ? 3.667   -8.483  8.461   1.000 18.595 0 11  U   A "O5'" 1 ? 
ATOM   221 C  "C5'" . U   A 1 11 ? 4.137   -9.690  7.855   1.000 18.754 0 11  U   A "C5'" 1 ? 
ATOM   222 C  "C4'" . U   A 1 11 ? 4.985   -9.380  6.634   1.000 17.670 0 11  U   A "C4'" 1 ? 
ATOM   223 O  "O4'" . U   A 1 11 ? 4.195   -8.815  5.564   1.000 20.099 0 11  U   A "O4'" 1 ? 
ATOM   224 C  "C3'" . U   A 1 11 ? 6.077   -8.320  6.815   1.000 19.319 0 11  U   A "C3'" 1 ? 
ATOM   225 O  "O3'" . U   A 1 11 ? 7.177   -8.887  7.491   1.000 19.282 0 11  U   A "O3'" 1 ? 
ATOM   226 C  "C2'" . U   A 1 11 ? 6.419   -8.043  5.350   1.000 18.256 0 11  U   A "C2'" 1 ? 
ATOM   227 O  "O2'" . U   A 1 11 ? 7.028   -9.102  4.635   1.000 19.991 0 11  U   A "O2'" 1 ? 
ATOM   228 C  "C1'" . U   A 1 11 ? 4.999   -7.903  4.825   1.000 17.712 0 11  U   A "C1'" 1 ? 
ATOM   229 N  N1    . U   A 1 11 ? 4.465   -6.544  4.952   1.000 16.394 0 11  U   A N1    1 ? 
ATOM   230 C  C2    . U   A 1 11 ? 4.879   -5.610  4.002   1.000 14.606 0 11  U   A C2    1 ? 
ATOM   231 O  O2    . U   A 1 11 ? 5.701   -5.878  3.150   1.000 20.463 0 11  U   A O2    1 ? 
ATOM   232 N  N3    . U   A 1 11 ? 4.303   -4.388  4.104   1.000 16.513 0 11  U   A N3    1 ? 
ATOM   233 C  C4    . U   A 1 11 ? 3.378   -3.965  5.018   1.000 14.204 0 11  U   A C4    1 ? 
ATOM   234 O  O4    . U   A 1 11 ? 2.981   -2.806  5.016   1.000 20.192 0 11  U   A O4    1 ? 
ATOM   235 C  C5    . U   A 1 11 ? 3.061   -4.951  6.005   1.000 16.530 0 11  U   A C5    1 ? 
ATOM   236 C  C6    . U   A 1 11 ? 3.579   -6.176  5.915   1.000 14.850 0 11  U   A C6    1 ? 
ATOM   237 P  P     . U   A 1 12 ? 8.174   -8.041  8.425   1.000 19.562 0 12  U   A P     1 ? 
ATOM   238 O  OP1   . U   A 1 12 ? 8.922   -9.099  9.142   1.000 21.033 0 12  U   A OP1   1 ? 
ATOM   239 O  OP2   . U   A 1 12 ? 7.426   -7.014  9.192   1.000 20.638 0 12  U   A OP2   1 ? 
ATOM   240 O  "O5'" . U   A 1 12 ? 9.087   -7.179  7.443   1.000 15.545 0 12  U   A "O5'" 1 ? 
ATOM   241 C  "C5'" . U   A 1 12 ? 9.988   -7.862  6.537   1.000 15.023 0 12  U   A "C5'" 1 ? 
ATOM   242 C  "C4'" . U   A 1 12 ? 10.625  -6.806  5.689   1.000 15.024 0 12  U   A "C4'" 1 ? 
ATOM   243 O  "O4'" . U   A 1 12 ? 9.635   -6.245  4.795   1.000 16.863 0 12  U   A "O4'" 1 ? 
ATOM   244 C  "C3'" . U   A 1 12 ? 11.160  -5.575  6.418   1.000 15.241 0 12  U   A "C3'" 1 ? 
ATOM   245 O  "O3'" . U   A 1 12 ? 12.350  -5.940  7.087   1.000 14.513 0 12  U   A "O3'" 1 ? 
ATOM   246 C  "C2'" . U   A 1 12 ? 11.319  -4.637  5.235   1.000 14.713 0 12  U   A "C2'" 1 ? 
ATOM   247 O  "O2'" . U   A 1 12 ? 12.359  -5.047  4.375   1.000 15.054 0 12  U   A "O2'" 1 ? 
ATOM   248 C  "C1'" . U   A 1 12 ? 9.985   -4.904  4.547   1.000 15.547 0 12  U   A "C1'" 1 ? 
ATOM   249 N  N1    . U   A 1 12 ? 8.866   -4.087  5.031   1.000 15.931 0 12  U   A N1    1 ? 
ATOM   250 C  C2    . U   A 1 12 ? 8.771   -2.839  4.464   1.000 15.012 0 12  U   A C2    1 ? 
ATOM   251 O  O2    . U   A 1 12 ? 9.612   -2.382  3.700   1.000 16.226 0 12  U   A O2    1 ? 
ATOM   252 N  N3    . U   A 1 12 ? 7.679   -2.123  4.862   1.000 14.441 0 12  U   A N3    1 ? 
ATOM   253 C  C4    . U   A 1 12 ? 6.704   -2.533  5.740   1.000 15.369 0 12  U   A C4    1 ? 
ATOM   254 O  O4    . U   A 1 12 ? 5.781   -1.764  5.959   1.000 16.983 0 12  U   A O4    1 ? 
ATOM   255 C  C5    . U   A 1 12 ? 6.879   -3.842  6.295   1.000 15.006 0 12  U   A C5    1 ? 
ATOM   256 C  C6    . U   A 1 12 ? 7.947   -4.568  5.931   1.000 15.024 0 12  U   A C6    1 ? 
ATOM   257 P  P     . C   A 1 13 ? 12.791  -5.163  8.398   1.000 14.244 0 13  C   A P     1 ? 
ATOM   258 O  OP1   . C   A 1 13 ? 13.974  -5.915  8.910   1.000 15.125 0 13  C   A OP1   1 ? 
ATOM   259 O  OP2   . C   A 1 13 ? 11.682  -4.914  9.381   1.000 15.839 0 13  C   A OP2   1 ? 
ATOM   260 O  "O5'" . C   A 1 13 ? 13.166  -3.672  7.996   1.000 13.921 0 13  C   A "O5'" 1 ? 
ATOM   261 C  "C5'" . C   A 1 13 ? 14.334  -3.468  7.234   1.000 12.520 0 13  C   A "C5'" 1 ? 
ATOM   262 C  "C4'" . C   A 1 13 ? 14.379  -2.041  6.761   1.000 11.892 0 13  C   A "C4'" 1 ? 
ATOM   263 O  "O4'" . C   A 1 13 ? 13.240  -1.810  5.910   1.000 12.488 0 13  C   A "O4'" 1 ? 
ATOM   264 C  "C3'" . C   A 1 13 ? 14.266  -0.934  7.815   1.000 11.830 0 13  C   A "C3'" 1 ? 
ATOM   265 O  "O3'" . C   A 1 13 ? 15.497  -0.744  8.485   1.000 11.444 0 13  C   A "O3'" 1 ? 
ATOM   266 C  "C2'" . C   A 1 13 ? 13.906  0.239   6.901   1.000 11.582 0 13  C   A "C2'" 1 ? 
ATOM   267 O  "O2'" . C   A 1 13 ? 14.992  0.717   6.140   1.000 12.545 0 13  C   A "O2'" 1 ? 
ATOM   268 C  "C1'" . C   A 1 13 ? 12.880  -0.439  5.994   1.000 12.309 0 13  C   A "C1'" 1 ? 
ATOM   269 N  N1    . C   A 1 13 ? 11.487  -0.322  6.508   1.000 12.097 0 13  C   A N1    1 ? 
ATOM   270 C  C2    . C   A 1 13 ? 10.807  0.887   6.271   1.000 11.657 0 13  C   A C2    1 ? 
ATOM   271 O  O2    . C   A 1 13 ? 11.422  1.809   5.722   1.000 13.201 0 13  C   A O2    1 ? 
ATOM   272 N  N3    . C   A 1 13 ? 9.546   1.032   6.742   1.000 12.075 0 13  C   A N3    1 ? 
ATOM   273 C  C4    . C   A 1 13 ? 8.936   0.013   7.360   1.000 11.197 0 13  C   A C4    1 ? 
ATOM   274 N  N4    . C   A 1 13 ? 7.684   0.168   7.748   1.000 11.385 0 13  C   A N4    1 ? 
ATOM   275 C  C5    . C   A 1 13 ? 9.606   -1.225  7.603   1.000 11.744 0 13  C   A C5    1 ? 
ATOM   276 C  C6    . C   A 1 13 ? 10.868  -1.333  7.170   1.000 11.531 0 13  C   A C6    1 ? 
ATOM   277 P  P     . U   A 1 14 ? 15.591  -0.208  9.975   1.000 12.620 0 14  U   A P     1 ? 
ATOM   278 O  OP1   . U   A 1 14 ? 17.012  -0.304  10.413  1.000 14.951 0 14  U   A OP1   1 ? 
ATOM   279 O  OP2   . U   A 1 14 ? 14.543  -0.856  10.740  1.000 13.993 0 14  U   A OP2   1 ? 
ATOM   280 O  "O5'" . U   A 1 14 ? 15.099  1.322   9.928   1.000 11.273 0 14  U   A "O5'" 1 ? 
ATOM   281 C  "C5'" . U   A 1 14 ? 15.995  2.279   9.356   1.000 12.551 0 14  U   A "C5'" 1 ? 
ATOM   282 C  "C4'" . U   A 1 14 ? 15.279  3.574   9.095   1.000 9.951  0 14  U   A "C4'" 1 ? 
ATOM   283 O  "O4'" . U   A 1 14 ? 14.135  3.410   8.264   1.000 9.558  0 14  U   A "O4'" 1 ? 
ATOM   284 C  "C3'" . U   A 1 14 ? 14.749  4.344   10.308  1.000 8.805  0 14  U   A "C3'" 1 ? 
ATOM   285 O  "O3'" . U   A 1 14 ? 15.814  5.035   10.940  1.000 9.535  0 14  U   A "O3'" 1 ? 
ATOM   286 C  "C2'" . U   A 1 14 ? 13.805  5.316   9.608   1.000 8.452  0 14  U   A "C2'" 1 ? 
ATOM   287 O  "O2'" . U   A 1 14 ? 14.578  6.263   8.884   1.000 8.655  0 14  U   A "O2'" 1 ? 
ATOM   288 C  "C1'" . U   A 1 14 ? 13.131  4.343   8.649   1.000 8.734  0 14  U   A "C1'" 1 ? 
ATOM   289 N  N1    . U   A 1 14 ? 11.965  3.635   9.205   1.000 8.254  0 14  U   A N1    1 ? 
ATOM   290 C  C2    . U   A 1 14 ? 10.762  4.329   9.202   1.000 7.890  0 14  U   A C2    1 ? 
ATOM   291 O  O2    . U   A 1 14 ? 10.683  5.524   8.929   1.000 8.652  0 14  U   A O2    1 ? 
ATOM   292 N  N3    . U   A 1 14 ? 9.693   3.583   9.637   1.000 7.542  0 14  U   A N3    1 ? 
ATOM   293 C  C4    . U   A 1 14 ? 9.695   2.267   10.010  1.000 8.387  0 14  U   A C4    1 ? 
ATOM   294 O  O4    . U   A 1 14 ? 8.651   1.751   10.374  1.000 9.868  0 14  U   A O4    1 ? 
ATOM   295 C  C5    . U   A 1 14 ? 10.964  1.621   9.944   1.000 8.919  0 14  U   A C5    1 ? 
ATOM   296 C  C6    . U   A 1 14 ? 12.040  2.312   9.565   1.000 8.863  0 14  U   A C6    1 ? 
ATOM   297 P  P     . C   A 1 15 ? 15.765  5.433   12.484  1.000 10.645 0 15  C   A P     1 ? 
ATOM   298 O  OP1   . C   A 1 15 ? 17.135  5.854   12.856  1.000 12.843 0 15  C   A OP1   1 ? 
ATOM   299 O  OP2   . C   A 1 15 ? 15.098  4.384   13.294  1.000 12.004 0 15  C   A OP2   1 ? 
ATOM   300 O  "O5'" . C   A 1 15 ? 14.755  6.658   12.522  1.000 9.550  0 15  C   A "O5'" 1 ? 
ATOM   301 C  "C5'" . C   A 1 15 ? 15.117  7.925   11.948  1.000 9.327  0 15  C   A "C5'" 1 ? 
ATOM   302 C  "C4'" . C   A 1 15 ? 13.861  8.768   11.855  1.000 9.464  0 15  C   A "C4'" 1 ? 
ATOM   303 O  "O4'" . C   A 1 15 ? 12.817  8.120   11.083  1.000 8.077  0 15  C   A "O4'" 1 ? 
ATOM   304 C  "C3'" . C   A 1 15 ? 13.178  9.064   13.189  1.000 9.762  0 15  C   A "C3'" 1 ? 
ATOM   305 O  "O3'" . C   A 1 15 ? 13.816  10.138  13.862  1.000 11.017 0 15  C   A "O3'" 1 ? 
ATOM   306 C  "C2'" . C   A 1 15 ? 11.815  9.501   12.710  1.000 9.152  0 15  C   A "C2'" 1 ? 
ATOM   307 O  "O2'" . C   A 1 15 ? 11.833  10.752  12.055  1.000 9.879  0 15  C   A "O2'" 1 ? 
ATOM   308 C  "C1'" . C   A 1 15 ? 11.555  8.442   11.653  1.000 7.957  0 15  C   A "C1'" 1 ? 
ATOM   309 N  N1    . C   A 1 15 ? 10.940  7.191   12.161  1.000 8.500  0 15  C   A N1    1 ? 
ATOM   310 C  C2    . C   A 1 15 ? 9.552   7.168   12.348  1.000 8.331  0 15  C   A C2    1 ? 
ATOM   311 O  O2    . C   A 1 15 ? 8.902   8.229   12.186  1.000 8.811  0 15  C   A O2    1 ? 
ATOM   312 N  N3    . C   A 1 15 ? 8.996   5.956   12.622  1.000 7.733  0 15  C   A N3    1 ? 
ATOM   313 C  C4    . C   A 1 15 ? 9.734   4.863   12.783  1.000 8.320  0 15  C   A C4    1 ? 
ATOM   314 N  N4    . C   A 1 15 ? 9.089   3.732   13.072  1.000 8.944  0 15  C   A N4    1 ? 
ATOM   315 C  C5    . C   A 1 15 ? 11.132  4.902   12.683  1.000 7.864  0 15  C   A C5    1 ? 
ATOM   316 C  C6    . C   A 1 15 ? 11.693  6.075   12.364  1.000 8.337  0 15  C   A C6    1 ? 
ATOM   317 P  P     . U   A 1 16 ? 13.999  10.110  15.432  1.000 12.410 0 16  U   A P     1 ? 
ATOM   318 O  OP1   . U   A 1 16 ? 14.823  11.329  15.665  1.000 13.947 0 16  U   A OP1   1 ? 
ATOM   319 O  OP2   . U   A 1 16 ? 14.444  8.812   15.917  1.000 13.682 0 16  U   A OP2   1 ? 
ATOM   320 O  "O5'" . U   A 1 16 ? 12.501  10.250  15.995  1.000 9.939  0 16  U   A "O5'" 1 ? 
ATOM   321 C  "C5'" . U   A 1 16 ? 11.833  11.515  15.766  1.000 9.597  0 16  U   A "C5'" 1 ? 
ATOM   322 C  "C4'" . U   A 1 16 ? 10.394  11.385  16.170  1.000 9.219  0 16  U   A "C4'" 1 ? 
ATOM   323 O  "O4'" . U   A 1 16 ? 9.723   10.459  15.284  1.000 8.332  0 16  U   A "O4'" 1 ? 
ATOM   324 C  "C3'" . U   A 1 16 ? 10.097  10.843  17.576  1.000 8.904  0 16  U   A "C3'" 1 ? 
ATOM   325 O  "O3'" . U   A 1 16 ? 10.305  11.822  18.599  1.000 10.191 0 16  U   A "O3'" 1 ? 
ATOM   326 C  "C2'" . U   A 1 16 ? 8.654   10.448  17.389  1.000 8.989  0 16  U   A "C2'" 1 ? 
ATOM   327 O  "O2'" . U   A 1 16 ? 7.816   11.586  17.409  1.000 10.079 0 16  U   A "O2'" 1 ? 
ATOM   328 C  "C1'" . U   A 1 16 ? 8.687   9.815   15.996  1.000 8.664  0 16  U   A "C1'" 1 ? 
ATOM   329 N  N1    . U   A 1 16 ? 8.968   8.359   15.990  1.000 8.493  0 16  U   A N1    1 ? 
ATOM   330 C  C2    . U   A 1 16 ? 7.877   7.536   16.187  1.000 8.680  0 16  U   A C2    1 ? 
ATOM   331 O  O2    . U   A 1 16 ? 6.756   7.951   16.394  1.000 9.193  0 16  U   A O2    1 ? 
ATOM   332 N  N3    . U   A 1 16 ? 8.156   6.206   16.166  1.000 7.979  0 16  U   A N3    1 ? 
ATOM   333 C  C4    . U   A 1 16 ? 9.389   5.621   16.050  1.000 8.645  0 16  U   A C4    1 ? 
ATOM   334 O  O4    . U   A 1 16 ? 9.448   4.382   16.113  1.000 9.870  0 16  U   A O4    1 ? 
ATOM   335 C  C5    . U   A 1 16 ? 10.492  6.529   15.861  1.000 8.320  0 16  U   A C5    1 ? 
ATOM   336 C  C6    . U   A 1 16 ? 10.245  7.851   15.861  1.000 8.073  0 16  U   A C6    1 ? 
HETATM 337 MG MG    . MG  B 2 .  ? -3.648  1.107   -4.106  1.000 25.357 0 101 MG  A MG    1 ? 
HETATM 338 MG MG    . MG  C 2 .  ? -5.747  -2.282  -10.329 1.000 27.604 0 102 MG  A MG    1 ? 
HETATM 339 MG MG    . MG  D 2 .  ? 17.546  0.602   6.549   0.330 23.027 0 103 MG  A MG    1 ? 
HETATM 340 O  O     . HOH E 3 .  ? 0.248   -6.627  -12.860 1.000 25.797 0 201 HOH A O     1 ? 
HETATM 341 O  O     . HOH E 3 .  ? -6.303  2.287   8.337   1.000 48.380 0 202 HOH A O     1 ? 
HETATM 342 O  O     . HOH E 3 .  ? 7.877   -11.260 5.496   1.000 28.271 0 203 HOH A O     1 ? 
HETATM 343 O  O     . HOH E 3 .  ? -12.747 2.284   -2.136  1.000 50.883 0 204 HOH A O     1 ? 
HETATM 344 O  O     . HOH E 3 .  ? 11.841  -1.911  2.619   1.000 39.494 0 205 HOH A O     1 ? 
HETATM 345 O  O     . HOH E 3 .  ? 1.046   5.430   -10.654 1.000 23.584 0 206 HOH A O     1 ? 
HETATM 346 O  O     . HOH E 3 .  ? 18.522  -1.208  12.228  1.000 35.897 0 207 HOH A O     1 ? 
HETATM 347 O  O     . HOH E 3 .  ? 13.808  -7.436  10.922  1.000 40.628 0 208 HOH A O     1 ? 
HETATM 348 O  O     . HOH E 3 .  ? -6.748  8.539   -14.709 1.000 41.504 0 209 HOH A O     1 ? 
HETATM 349 O  O     . HOH E 3 .  ? -9.160  -11.206 -13.986 1.000 44.184 0 210 HOH A O     1 ? 
HETATM 350 O  O     . HOH E 3 .  ? -7.378  -1.382  -10.200 1.000 25.476 0 211 HOH A O     1 ? 
HETATM 351 O  O     . HOH E 3 .  ? -3.292  -3.296  8.331   1.000 24.313 0 212 HOH A O     1 ? 
HETATM 352 O  O     . HOH E 3 .  ? 16.787  12.778  14.799  1.000 49.119 0 213 HOH A O     1 ? 
HETATM 353 O  O     . HOH E 3 .  ? 18.219  1.306   12.050  1.000 49.457 0 214 HOH A O     1 ? 
HETATM 354 O  O     . HOH E 3 .  ? 8.281   -0.583  11.444  1.000 24.168 0 215 HOH A O     1 ? 
HETATM 355 O  O     . HOH E 3 .  ? 12.285  10.946  9.507   1.000 23.292 0 216 HOH A O     1 ? 
HETATM 356 O  O     . HOH E 3 .  ? -5.180  1.783   -5.500  1.000 25.248 0 217 HOH A O     1 ? 
HETATM 357 O  O     . HOH E 3 .  ? -4.026  0.990   -11.425 1.000 28.404 0 218 HOH A O     1 ? 
HETATM 358 O  O     . HOH E 3 .  ? -4.080  -1.002  -3.740  1.000 27.557 0 219 HOH A O     1 ? 
HETATM 359 O  O     . HOH E 3 .  ? 9.504   10.981  20.977  1.000 27.543 0 220 HOH A O     1 ? 
HETATM 360 O  O     . HOH E 3 .  ? 1.740   -1.258  6.769   1.000 39.631 0 221 HOH A O     1 ? 
HETATM 361 O  O     . HOH E 3 .  ? -6.739  -5.529  -13.842 1.000 26.322 0 222 HOH A O     1 ? 
HETATM 362 O  O     . HOH E 3 .  ? 0.990   5.936   -14.107 1.000 33.261 0 223 HOH A O     1 ? 
HETATM 363 O  O     . HOH E 3 .  ? 13.316  0.180   12.882  1.000 26.835 0 224 HOH A O     1 ? 
HETATM 364 O  O     . HOH E 3 .  ? -6.248  8.734   3.248   1.000 31.119 0 225 HOH A O     1 ? 
HETATM 365 O  O     . HOH E 3 .  ? -0.442  5.322   -8.317  1.000 35.142 0 226 HOH A O     1 ? 
HETATM 366 O  O     . HOH E 3 .  ? 14.260  -3.423  3.377   1.000 19.968 0 227 HOH A O     1 ? 
HETATM 367 O  O     . HOH E 3 .  ? 1.833   -10.312 3.755   1.000 33.270 0 228 HOH A O     1 ? 
HETATM 368 O  O     . HOH E 3 .  ? -11.928 6.069   -6.342  1.000 28.034 0 229 HOH A O     1 ? 
HETATM 369 O  O     . HOH E 3 .  ? -0.208  8.759   -9.347  1.000 37.684 0 230 HOH A O     1 ? 
HETATM 370 O  O     . HOH E 3 .  ? 4.243   -1.425  8.163   1.000 41.078 0 231 HOH A O     1 ? 
HETATM 371 O  O     . HOH E 3 .  ? 11.621  2.751   15.994  1.000 19.853 0 232 HOH A O     1 ? 
HETATM 372 O  O     . HOH E 3 .  ? 18.520  7.429   11.111  1.000 37.756 0 233 HOH A O     1 ? 
HETATM 373 O  O     . HOH E 3 .  ? -8.609  -7.859  3.079   1.000 51.610 0 234 HOH A O     1 ? 
HETATM 374 O  O     . HOH E 3 .  ? -11.659 7.082   1.070   0.330 21.417 0 235 HOH A O     1 ? 
HETATM 375 O  O     . HOH E 3 .  ? -6.097  -3.067  -12.235 1.000 17.675 0 236 HOH A O     1 ? 
HETATM 376 O  O     . HOH E 3 .  ? 5.329   -5.263  8.893   1.000 38.404 0 237 HOH A O     1 ? 
HETATM 377 O  O     . HOH E 3 .  ? -2.745  2.914   -9.425  1.000 25.602 0 238 HOH A O     1 ? 
HETATM 378 O  O     . HOH E 3 .  ? 7.322   -5.615  0.945   1.000 37.156 0 239 HOH A O     1 ? 
HETATM 379 O  O     . HOH E 3 .  ? 17.548  11.023  15.992  1.000 50.834 0 240 HOH A O     1 ? 
HETATM 380 O  O     . HOH E 3 .  ? -3.388  -0.355  -19.628 1.000 23.147 0 241 HOH A O     1 ? 
HETATM 381 O  O     . HOH E 3 .  ? -10.221 7.486   3.331   0.330 26.553 0 242 HOH A O     1 ? 
HETATM 382 O  O     . HOH E 3 .  ? -9.528  -7.639  5.321   1.000 37.571 0 243 HOH A O     1 ? 
HETATM 383 O  O     . HOH E 3 .  ? -4.855  1.590   -8.352  1.000 19.133 0 244 HOH A O     1 ? 
HETATM 384 O  O     . HOH E 3 .  ? -2.553  -0.651  -11.894 1.000 35.269 0 245 HOH A O     1 ? 
HETATM 385 O  O     . HOH E 3 .  ? 17.199  7.204   8.750   1.000 16.368 0 246 HOH A O     1 ? 
HETATM 386 O  O     . HOH E 3 .  ? 4.469   8.946   17.647  1.000 25.945 0 247 HOH A O     1 ? 
HETATM 387 O  O     . HOH E 3 .  ? -4.749  1.638   -2.605  1.000 20.289 0 248 HOH A O     1 ? 
HETATM 388 O  O     . HOH E 3 .  ? 2.291   2.626   -13.126 1.000 28.869 0 249 HOH A O     1 ? 
HETATM 389 O  O     . HOH E 3 .  ? -10.056 -4.241  -14.219 1.000 16.610 0 250 HOH A O     1 ? 
HETATM 390 O  O     . HOH E 3 .  ? -2.401  -0.852  2.425   1.000 24.696 0 251 HOH A O     1 ? 
HETATM 391 O  O     . HOH E 3 .  ? 12.582  13.455  18.856  1.000 14.242 0 252 HOH A O     1 ? 
HETATM 392 O  O     . HOH E 3 .  ? -5.388  0.485   2.128   1.000 25.782 0 253 HOH A O     1 ? 
HETATM 393 O  O     . HOH E 3 .  ? -3.629  -4.254  -12.592 1.000 33.282 0 254 HOH A O     1 ? 
HETATM 394 O  O     . HOH E 3 .  ? 8.909   -4.427  9.520   1.000 23.015 0 255 HOH A O     1 ? 
HETATM 395 O  O     . HOH E 3 .  ? -4.692  -6.100  -20.383 1.000 23.457 0 256 HOH A O     1 ? 
HETATM 396 O  O     . HOH E 3 .  ? 19.129  1.047   9.039   0.330 21.355 0 257 HOH A O     1 ? 
HETATM 397 O  O     . HOH E 3 .  ? -0.573  4.875   -16.575 1.000 23.860 0 258 HOH A O     1 ? 
HETATM 398 O  O     . HOH E 3 .  ? -11.978 1.858   5.466   1.000 21.902 0 259 HOH A O     1 ? 
HETATM 399 O  O     . HOH E 3 .  ? -4.276  4.578   -6.556  1.000 25.749 0 260 HOH A O     1 ? 
HETATM 400 O  O     . HOH E 3 .  ? -11.842 -7.353  -15.220 1.000 43.887 0 261 HOH A O     1 ? 
HETATM 401 O  O     . HOH E 3 .  ? 14.893  13.877  17.038  1.000 28.476 0 262 HOH A O     1 ? 
HETATM 402 O  O     . HOH E 3 .  ? 13.845  5.992   15.633  1.000 23.128 0 263 HOH A O     1 ? 
HETATM 403 O  O     . HOH E 3 .  ? -11.692 -4.215  1.790   1.000 34.347 0 264 HOH A O     1 ? 
HETATM 404 O  O     . HOH E 3 .  ? 11.872  -2.005  10.577  1.000 22.696 0 265 HOH A O     1 ? 
HETATM 405 O  O     . HOH E 3 .  ? -4.857  -0.810  5.625   1.000 21.542 0 266 HOH A O     1 ? 
HETATM 406 O  O     . HOH E 3 .  ? -2.832  9.935   -3.760  1.000 43.693 0 267 HOH A O     1 ? 
HETATM 407 O  O     . HOH E 3 .  ? -9.518  1.802   8.988   1.000 29.443 0 268 HOH A O     1 ? 
HETATM 408 O  O     . HOH E 3 .  ? 15.318  12.120  18.457  1.000 35.868 0 269 HOH A O     1 ? 
HETATM 409 O  O     . HOH E 3 .  ? 10.923  -7.332  10.891  1.000 36.201 0 270 HOH A O     1 ? 
HETATM 410 O  O     . HOH E 3 .  ? 10.782  1.366   13.620  1.000 18.175 0 271 HOH A O     1 ? 
HETATM 411 O  O     . HOH E 3 .  ? 6.808   -2.064  9.543   1.000 26.429 0 272 HOH A O     1 ? 
HETATM 412 O  O     . HOH E 3 .  ? -5.419  4.169   -2.060  1.000 37.650 0 273 HOH A O     1 ? 
HETATM 413 O  O     . HOH E 3 .  ? -0.436  -3.425  9.370   1.000 47.336 0 274 HOH A O     1 ? 
HETATM 414 O  O     . HOH E 3 .  ? 1.077   0.958   -10.869 1.000 38.216 0 275 HOH A O     1 ? 
HETATM 415 O  O     . HOH E 3 .  ? -11.022 -4.346  8.572   1.000 35.234 0 276 HOH A O     1 ? 
HETATM 416 O  O     . HOH E 3 .  ? -3.305  -0.879  -0.476  1.000 29.931 0 277 HOH A O     1 ? 
HETATM 417 O  O     . HOH E 3 .  ? 10.644  8.131   7.368   1.000 32.866 0 278 HOH A O     1 ? 
HETATM 418 O  O     . HOH E 3 .  ? -9.058  -3.644  -11.538 1.000 23.004 0 279 HOH A O     1 ? 
HETATM 419 O  O     . HOH E 3 .  ? -5.013  -0.498  -10.959 1.000 24.773 0 280 HOH A O     1 ? 
HETATM 420 O  O     . HOH E 3 .  ? -1.816  -1.284  5.961   1.000 24.153 0 281 HOH A O     1 ? 
HETATM 421 O  O     . HOH E 3 .  ? -6.086  6.119   4.591   1.000 42.116 0 282 HOH A O     1 ? 
HETATM 422 O  O     . HOH E 3 .  ? -1.385  -12.004 4.906   1.000 36.903 0 283 HOH A O     1 ? 
HETATM 423 O  O     . HOH E 3 .  ? -13.460 -6.480  -16.998 0.500 36.812 0 284 HOH A O     1 ? 
HETATM 424 O  O     . HOH E 3 .  ? 15.184  -0.063  2.834   0.330 21.002 0 285 HOH A O     1 ? 
HETATM 425 O  O     . HOH E 3 .  ? -5.466  -1.050  -8.452  1.000 29.211 0 286 HOH A O     1 ? 
HETATM 426 O  O     . HOH E 3 .  ? -14.028 6.416   -2.657  0.330 36.641 0 287 HOH A O     1 ? 
HETATM 427 O  O     . HOH E 3 .  ? -12.667 -4.815  -14.743 1.000 39.923 0 288 HOH A O     1 ? 
HETATM 428 O  O     . HOH E 3 .  ? -4.501  2.525   0.830   1.000 32.226 0 289 HOH A O     1 ? 
HETATM 429 O  O     . HOH E 3 .  ? -1.407  8.442   -5.347  1.000 55.213 0 290 HOH A O     1 ? 
HETATM 430 O  O     . HOH E 3 .  ? -3.636  -3.636  -21.540 1.000 38.885 0 291 HOH A O     1 ? 
HETATM 431 O  O     . HOH E 3 .  ? -3.330  -0.684  10.812  1.000 37.011 0 292 HOH A O     1 ? 
HETATM 432 O  O     . HOH E 3 .  ? -13.084 -2.973  7.189   1.000 36.848 0 293 HOH A O     1 ? 
HETATM 433 O  O     . HOH E 3 .  ? -0.766  1.315   -7.601  1.000 47.708 0 294 HOH A O     1 ? 
HETATM 434 O  O     . HOH E 3 .  ? -2.841  3.009   -4.489  1.000 29.115 0 295 HOH A O     1 ? 
HETATM 435 O  O     . HOH E 3 .  ? 0.216   7.172   -15.796 1.000 42.671 0 296 HOH A O     1 ? 
HETATM 436 O  O     . HOH E 3 .  ? 20.289  2.479   12.831  1.000 49.811 0 297 HOH A O     1 ? 
HETATM 437 O  O     . HOH E 3 .  ? -7.135  -10.409 3.120   1.000 53.990 0 298 HOH A O     1 ? 
HETATM 438 O  O     . HOH E 3 .  ? -2.132  0.763   -2.906  1.000 39.715 0 299 HOH A O     1 ? 
HETATM 439 O  O     . HOH E 3 .  ? -2.440  0.264   -5.775  1.000 34.794 0 300 HOH A O     1 ? 
# 
